data_7XZ6
#
_entry.id   7XZ6
#
loop_
_entity.id
_entity.type
_entity.pdbx_description
1 polymer 'Guanine nucleotide-binding protein G(s) subunit alpha isoforms short'
2 polymer 'Guanine nucleotide-binding protein G(I)/G(S)/G(T) subunit beta-1'
3 polymer 'Guanine nucleotide-binding protein G(I)/G(S)/G(O) subunit gamma-2'
4 polymer Nanobody35
5 polymer 'Soluble cytochrome b562,Glucose-dependent insulinotropic receptor'
6 non-polymer 'propan-2-yl 4-[1-(2-fluoranyl-4-methylsulfonyl-phenyl)pyrazolo[3,4-d]pyrimidin-4-yl]oxypiperidine-1-carboxylate'
7 water water
#
loop_
_entity_poly.entity_id
_entity_poly.type
_entity_poly.pdbx_seq_one_letter_code
_entity_poly.pdbx_strand_id
1 'polypeptide(L)'
;MGCLGNSKTEDQRNEEKAQREANKKIEKQLQKDKQVYRATHRLLLLGAGESGKNTIVKQMRILHVNGFNGEGGEEDPQAA
RSNSDGEKATKVQDIKNNLKEAIETIVAAMSNLVPPVELANPENQFRVDYILSVMNVPDFDFPPEFYEHAKALWEDEGVR
ACYERSNEYQLIDCAQYFLDKIDVIKQADYVPSDQDLLRCRVLTSGIFETKFQVDKVNFHMFDVGAQRDERRKWIQCFND
VTAIIFVVASSSYNMVIREDNQTNRLQAALKLFDSIWNNKWLRDTSVILFLNKQDLLAEKVLAGKSKIEDYFPEFARYTT
PEDATPEPGEDPRVTRAKYFIRDEFLRISTASGDGRHYCYPHFTCSVDTENIRRVFNDCRDIIQRMHLRQYELL
;
A
2 'polypeptide(L)'
;MGSLLQSELDQLRQEAEQLKNQIRDARKACADATLSQITNNIDPVGRIQMRTRRTLRGHLAKIYAMHWGTDSRLLVSASQ
DGKLIIWDSYTTNKVHAIPLRSSWVMTCAYAPSGNYVACGGLDNICSIYNLKTREGNVRVSRELAGHTGYLSCCRFLDDN
QIVTSSGDTTCALWDIETGQQTTTFTGHTGDVMSLSLAPDTRLFVSGACDASAKLWDVREGMCRQTFTGHESDINAICFF
PNGNAFATGSDDATCRLFDLRADQELMTYSHDNIICGITSVSFSKSGRLLLAGYDDFNCNVWDALKADRAGVLAGHDNRV
SCLGVTDDGMAVATGSWDSFLKIWN
;
B
3 'polypeptide(L)' MASNNTASIAQARKLVEQLKMEANIDRIKVSKAAADLMAYCEAHAKEDPLLTPVPASENPFREKKFFCAIL G
4 'polypeptide(L)'
;MQVQLQESGGGLVQPGGSLRLSCAASGFTFSNYKMNWVRQAPGKGLEWVSDISQSGASISYTGSVKGRFTISRDNAKNTL
YLQMNSLKPEDTAVYYCARCPAPFTRDCFDVTSTTYAYRGQGTQVTVSSHHHHHHEPEA
;
N
5 'polypeptide(L)'
;DYKDDDDAKLQTMHHHHHHHHHHHHHHHADLEDNWETLNDNLKVIEKADNAAQVKDALTKMRAAALDAQKATPPKLEDKS
PDSPEMKDFRHGFDILVGQIDDALKLANEGKVKEAQAAAEQLKTTRNAYIQKYLASENLYFQGGGGGSGTMESSFSFGVI
LAVLASLIIATNTLVAVAVLLLIHKNDGVSLCFTLNLAVADTLIGVAISGLLTDQLSSPSRPTQKTLCSLRMAFVTSSAA
ASVLTVMLITFDRYLAIKQPFRYLKIMSGFVAGACIAGLWLVSYLIGFLPLGIPMFQQTAYKGQCSFFAVFHPHFVLTLS
CVGFFPAMLLFVFFYCDMLKIASMHSQQIRKMEHAGAMAGGYRSPRTPSDFKALRTVSVLIGSFALSWTPFLITGIVQVA
CQECHLYLVLERYLWLLGVGNSLLNPLIYAYWQKEVRLQLYHMALGVKKVLTSFLLFLSARNCGPERPRESSCHIVTISS
SEFDG
;
R
#
loop_
_chem_comp.id
_chem_comp.type
_chem_comp.name
_chem_comp.formula
I7J non-polymer 'propan-2-yl 4-[1-(2-fluoranyl-4-methylsulfonyl-phenyl)pyrazolo[3,4-d]pyrimidin-4-yl]oxypiperidine-1-carboxylate' 'C21 H24 F N5 O5 S'
#
# COMPACT_ATOMS: atom_id res chain seq x y z
N THR A 9 -28.11 -1.02 -35.65
CA THR A 9 -28.29 -2.22 -34.78
C THR A 9 -29.08 -1.87 -33.53
N GLU A 10 -30.41 -1.92 -33.65
CA GLU A 10 -31.27 -1.59 -32.50
C GLU A 10 -31.08 -2.60 -31.37
N ASP A 11 -30.90 -3.88 -31.71
CA ASP A 11 -30.71 -4.89 -30.67
C ASP A 11 -29.44 -4.63 -29.88
N GLN A 12 -28.36 -4.24 -30.57
CA GLN A 12 -27.11 -3.95 -29.88
C GLN A 12 -27.28 -2.79 -28.91
N ARG A 13 -27.99 -1.73 -29.32
CA ARG A 13 -28.21 -0.60 -28.45
C ARG A 13 -29.13 -0.95 -27.29
N ASN A 14 -30.12 -1.81 -27.51
CA ASN A 14 -30.95 -2.27 -26.41
C ASN A 14 -30.13 -3.07 -25.40
N GLU A 15 -29.24 -3.94 -25.87
CA GLU A 15 -28.35 -4.66 -24.97
C GLU A 15 -27.44 -3.71 -24.22
N GLU A 16 -26.96 -2.67 -24.90
CA GLU A 16 -26.13 -1.66 -24.23
C GLU A 16 -26.92 -0.93 -23.14
N LYS A 17 -28.19 -0.63 -23.41
CA LYS A 17 -29.02 0.02 -22.41
C LYS A 17 -29.24 -0.89 -21.20
N ALA A 18 -29.49 -2.18 -21.46
CA ALA A 18 -29.63 -3.12 -20.35
C ALA A 18 -28.35 -3.22 -19.53
N GLN A 19 -27.19 -3.26 -20.20
CA GLN A 19 -25.91 -3.27 -19.50
C GLN A 19 -25.71 -2.00 -18.70
N ARG A 20 -26.13 -0.85 -19.24
CA ARG A 20 -26.03 0.41 -18.49
C ARG A 20 -26.90 0.38 -17.25
N GLU A 21 -28.11 -0.18 -17.35
CA GLU A 21 -28.98 -0.30 -16.19
C GLU A 21 -28.35 -1.19 -15.13
N ALA A 22 -27.79 -2.33 -15.55
CA ALA A 22 -27.10 -3.21 -14.61
C ALA A 22 -25.92 -2.52 -13.97
N ASN A 23 -25.17 -1.74 -14.76
CA ASN A 23 -24.03 -1.00 -14.23
C ASN A 23 -24.48 0.03 -13.21
N LYS A 24 -25.59 0.71 -13.48
CA LYS A 24 -26.10 1.68 -12.52
C LYS A 24 -26.53 1.01 -11.22
N LYS A 25 -27.18 -0.14 -11.32
CA LYS A 25 -27.53 -0.88 -10.10
C LYS A 25 -26.27 -1.28 -9.33
N ILE A 26 -25.24 -1.73 -10.05
CA ILE A 26 -24.00 -2.12 -9.38
C ILE A 26 -23.31 -0.89 -8.77
N GLU A 27 -23.42 0.26 -9.41
CA GLU A 27 -22.90 1.49 -8.82
C GLU A 27 -23.61 1.84 -7.52
N LYS A 28 -24.94 1.70 -7.49
CA LYS A 28 -25.67 1.95 -6.26
C LYS A 28 -25.23 1.00 -5.16
N GLN A 29 -25.13 -0.30 -5.50
CA GLN A 29 -24.70 -1.28 -4.51
C GLN A 29 -23.28 -0.99 -4.02
N LEU A 30 -22.39 -0.61 -4.93
CA LEU A 30 -21.01 -0.32 -4.54
C LEU A 30 -20.92 0.97 -3.72
N GLN A 31 -21.79 1.94 -3.98
CA GLN A 31 -21.81 3.13 -3.13
C GLN A 31 -22.24 2.78 -1.72
N LYS A 32 -23.28 1.94 -1.58
CA LYS A 32 -23.68 1.51 -0.25
C LYS A 32 -22.57 0.72 0.42
N ASP A 33 -21.90 -0.16 -0.32
CA ASP A 33 -20.80 -0.94 0.23
C ASP A 33 -19.65 -0.04 0.63
N LYS A 34 -19.37 1.00 -0.15
CA LYS A 34 -18.33 1.96 0.20
C LYS A 34 -18.68 2.69 1.50
N GLN A 35 -19.94 3.12 1.63
CA GLN A 35 -20.35 3.79 2.86
C GLN A 35 -20.16 2.87 4.06
N VAL A 36 -20.53 1.60 3.92
CA VAL A 36 -20.34 0.65 5.01
C VAL A 36 -18.85 0.41 5.27
N TYR A 37 -18.03 0.32 4.22
CA TYR A 37 -16.64 -0.07 4.36
C TYR A 37 -15.82 1.04 5.02
N ARG A 38 -15.99 2.28 4.55
CA ARG A 38 -15.27 3.40 5.14
C ARG A 38 -15.68 3.63 6.59
N ALA A 39 -16.90 3.24 6.97
CA ALA A 39 -17.32 3.32 8.36
C ALA A 39 -16.80 2.15 9.18
N THR A 40 -16.26 1.12 8.53
CA THR A 40 -15.74 -0.06 9.20
C THR A 40 -14.22 0.04 9.30
N HIS A 41 -13.69 -0.29 10.48
CA HIS A 41 -12.26 -0.19 10.76
C HIS A 41 -11.68 -1.59 10.88
N ARG A 42 -10.85 -1.97 9.92
CA ARG A 42 -10.23 -3.29 9.94
C ARG A 42 -9.01 -3.29 10.84
N LEU A 43 -8.87 -4.34 11.64
CA LEU A 43 -7.76 -4.49 12.56
C LEU A 43 -7.15 -5.88 12.40
N LEU A 44 -5.82 -5.93 12.35
CA LEU A 44 -5.10 -7.19 12.25
C LEU A 44 -4.59 -7.58 13.63
N LEU A 45 -5.07 -8.70 14.14
CA LEU A 45 -4.56 -9.23 15.39
C LEU A 45 -3.40 -10.18 15.11
N LEU A 46 -2.24 -9.90 15.71
CA LEU A 46 -1.04 -10.67 15.44
C LEU A 46 -0.24 -10.82 16.73
N GLY A 47 0.52 -11.90 16.80
CA GLY A 47 1.34 -12.16 17.97
C GLY A 47 1.77 -13.61 18.01
N ALA A 48 2.50 -13.93 19.07
CA ALA A 48 2.98 -15.29 19.27
C ALA A 48 1.81 -16.23 19.54
N GLY A 49 1.99 -17.50 19.13
CA GLY A 49 0.96 -18.49 19.39
C GLY A 49 0.72 -18.72 20.86
N GLU A 50 1.79 -18.77 21.66
CA GLU A 50 1.68 -18.93 23.10
C GLU A 50 1.18 -17.67 23.80
N SER A 51 1.09 -16.54 23.09
CA SER A 51 0.62 -15.31 23.70
C SER A 51 -0.87 -15.40 24.02
N GLY A 52 -1.37 -14.37 24.69
CA GLY A 52 -2.75 -14.29 25.08
C GLY A 52 -3.70 -13.72 24.06
N LYS A 53 -3.27 -13.61 22.79
CA LYS A 53 -4.15 -13.05 21.77
C LYS A 53 -5.43 -13.86 21.63
N ASN A 54 -5.35 -15.18 21.77
CA ASN A 54 -6.56 -16.00 21.72
C ASN A 54 -7.51 -15.66 22.86
N THR A 55 -6.98 -15.43 24.06
CA THR A 55 -7.84 -15.05 25.17
C THR A 55 -8.50 -13.69 24.92
N ILE A 56 -7.76 -12.76 24.32
CA ILE A 56 -8.34 -11.46 23.99
C ILE A 56 -9.45 -11.62 22.96
N VAL A 57 -9.24 -12.50 21.98
CA VAL A 57 -10.29 -12.79 21.00
C VAL A 57 -11.52 -13.36 21.71
N LYS A 58 -11.31 -14.25 22.68
CA LYS A 58 -12.43 -14.80 23.42
C LYS A 58 -13.18 -13.71 24.18
N GLN A 59 -12.44 -12.80 24.82
CA GLN A 59 -13.09 -11.70 25.53
C GLN A 59 -13.90 -10.82 24.60
N MET A 60 -13.34 -10.47 23.44
CA MET A 60 -14.05 -9.62 22.50
C MET A 60 -15.25 -10.31 21.86
N ARG A 61 -15.19 -11.63 21.66
CA ARG A 61 -16.31 -12.37 21.09
C ARG A 61 -17.42 -12.60 22.09
N ILE A 62 -17.15 -12.41 23.39
CA ILE A 62 -18.18 -12.60 24.41
C ILE A 62 -19.17 -11.45 24.36
N THR A 204 -11.06 -23.75 11.33
CA THR A 204 -10.56 -24.44 10.14
C THR A 204 -10.15 -23.43 9.07
N SER A 205 -10.86 -22.31 9.00
CA SER A 205 -10.53 -21.27 8.03
C SER A 205 -9.19 -20.64 8.35
N GLY A 206 -8.56 -20.06 7.33
CA GLY A 206 -7.28 -19.43 7.49
C GLY A 206 -7.31 -18.04 8.11
N ILE A 207 -8.50 -17.50 8.38
CA ILE A 207 -8.63 -16.21 9.02
C ILE A 207 -9.97 -16.18 9.76
N PHE A 208 -9.95 -15.58 10.96
CA PHE A 208 -11.11 -15.52 11.83
C PHE A 208 -11.56 -14.08 11.98
N GLU A 209 -12.85 -13.85 11.80
CA GLU A 209 -13.44 -12.51 11.88
C GLU A 209 -14.09 -12.33 13.25
N THR A 210 -13.65 -11.30 13.98
CA THR A 210 -14.26 -10.90 15.24
C THR A 210 -14.81 -9.50 15.07
N LYS A 211 -16.13 -9.37 15.14
CA LYS A 211 -16.81 -8.09 14.98
C LYS A 211 -17.30 -7.58 16.33
N PHE A 212 -16.93 -6.35 16.66
CA PHE A 212 -17.35 -5.72 17.91
C PHE A 212 -17.56 -4.24 17.67
N GLN A 213 -18.42 -3.64 18.49
CA GLN A 213 -18.76 -2.24 18.38
C GLN A 213 -18.40 -1.50 19.66
N VAL A 214 -17.79 -0.32 19.49
CA VAL A 214 -17.43 0.55 20.60
C VAL A 214 -17.99 1.94 20.29
N ASP A 215 -18.88 2.43 21.15
CA ASP A 215 -19.54 3.71 20.93
C ASP A 215 -20.21 3.74 19.56
N LYS A 216 -20.83 2.63 19.20
CA LYS A 216 -21.50 2.47 17.90
C LYS A 216 -20.53 2.62 16.73
N VAL A 217 -19.27 2.25 16.93
CA VAL A 217 -18.26 2.29 15.88
C VAL A 217 -17.90 0.85 15.52
N ASN A 218 -18.03 0.50 14.24
CA ASN A 218 -17.79 -0.85 13.78
C ASN A 218 -16.28 -1.13 13.71
N PHE A 219 -15.86 -2.23 14.33
CA PHE A 219 -14.48 -2.69 14.27
C PHE A 219 -14.47 -4.15 13.84
N HIS A 220 -13.66 -4.47 12.85
CA HIS A 220 -13.56 -5.82 12.29
C HIS A 220 -12.16 -6.35 12.56
N MET A 221 -11.97 -6.96 13.73
CA MET A 221 -10.67 -7.52 14.07
C MET A 221 -10.50 -8.88 13.42
N PHE A 222 -9.34 -9.09 12.81
CA PHE A 222 -9.04 -10.32 12.08
C PHE A 222 -7.90 -11.05 12.78
N ASP A 223 -8.10 -12.33 13.07
CA ASP A 223 -7.08 -13.19 13.64
C ASP A 223 -6.59 -14.14 12.56
N VAL A 224 -5.29 -14.13 12.30
CA VAL A 224 -4.72 -14.93 11.22
C VAL A 224 -4.35 -16.31 11.75
N GLY A 225 -5.32 -17.22 11.75
CA GLY A 225 -5.08 -18.58 12.20
C GLY A 225 -4.94 -19.56 11.05
N ALA A 226 -4.35 -20.71 11.34
CA ALA A 226 -4.17 -21.78 10.35
C ALA A 226 -3.33 -21.29 9.17
N GLN A 227 -2.39 -20.39 9.42
CA GLN A 227 -1.47 -19.89 8.41
C GLN A 227 -0.04 -20.18 8.85
N ARG A 228 0.78 -20.59 7.88
CA ARG A 228 2.18 -20.88 8.17
C ARG A 228 2.90 -19.60 8.62
N ASP A 229 3.87 -19.78 9.51
CA ASP A 229 4.56 -18.65 10.14
C ASP A 229 5.41 -17.84 9.17
N GLU A 230 5.44 -18.20 7.88
CA GLU A 230 6.07 -17.33 6.89
C GLU A 230 5.13 -16.18 6.58
N ARG A 231 5.22 -15.11 7.36
CA ARG A 231 4.23 -14.03 7.29
C ARG A 231 4.54 -13.00 6.22
N ARG A 232 5.74 -13.03 5.62
CA ARG A 232 6.16 -11.95 4.75
C ARG A 232 5.23 -11.74 3.56
N LYS A 233 4.45 -12.74 3.17
CA LYS A 233 3.56 -12.63 2.02
C LYS A 233 2.14 -12.24 2.40
N TRP A 234 1.48 -13.01 3.26
CA TRP A 234 0.09 -12.71 3.58
C TRP A 234 -0.05 -11.49 4.48
N ILE A 235 1.03 -11.09 5.14
CA ILE A 235 0.99 -9.88 5.96
C ILE A 235 0.77 -8.65 5.09
N GLN A 236 1.26 -8.68 3.85
CA GLN A 236 1.14 -7.53 2.96
C GLN A 236 -0.32 -7.16 2.70
N CYS A 237 -1.26 -8.10 2.88
CA CYS A 237 -2.66 -7.80 2.62
C CYS A 237 -3.25 -6.82 3.62
N PHE A 238 -2.58 -6.58 4.75
CA PHE A 238 -3.09 -5.75 5.82
C PHE A 238 -2.43 -4.37 5.86
N ASN A 239 -2.09 -3.83 4.69
CA ASN A 239 -1.50 -2.50 4.67
C ASN A 239 -2.51 -1.41 5.01
N ASP A 240 -3.77 -1.59 4.61
CA ASP A 240 -4.79 -0.57 4.77
C ASP A 240 -5.61 -0.76 6.05
N VAL A 241 -5.26 -1.73 6.89
CA VAL A 241 -5.96 -1.88 8.16
C VAL A 241 -5.71 -0.65 9.02
N THR A 242 -6.70 -0.31 9.85
CA THR A 242 -6.57 0.86 10.70
C THR A 242 -5.39 0.71 11.65
N ALA A 243 -5.21 -0.47 12.22
CA ALA A 243 -4.09 -0.73 13.11
C ALA A 243 -3.82 -2.23 13.15
N ILE A 244 -2.59 -2.57 13.49
CA ILE A 244 -2.18 -3.96 13.72
C ILE A 244 -2.04 -4.17 15.21
N ILE A 245 -2.90 -5.02 15.78
CA ILE A 245 -2.90 -5.27 17.22
C ILE A 245 -1.84 -6.35 17.48
N PHE A 246 -0.61 -5.92 17.74
CA PHE A 246 0.50 -6.84 18.02
C PHE A 246 0.46 -7.20 19.49
N VAL A 247 0.08 -8.43 19.80
CA VAL A 247 -0.02 -8.93 21.16
C VAL A 247 1.23 -9.72 21.47
N VAL A 248 2.00 -9.26 22.45
CA VAL A 248 3.24 -9.91 22.87
C VAL A 248 3.14 -10.24 24.35
N ALA A 249 3.51 -11.47 24.69
CA ALA A 249 3.59 -11.90 26.08
C ALA A 249 4.90 -11.40 26.67
N SER A 250 4.85 -10.28 27.41
CA SER A 250 6.06 -9.69 27.96
C SER A 250 6.77 -10.65 28.92
N SER A 251 6.04 -11.58 29.52
CA SER A 251 6.62 -12.50 30.49
C SER A 251 7.18 -13.76 29.85
N SER A 252 7.15 -13.87 28.52
CA SER A 252 7.58 -15.08 27.83
C SER A 252 9.07 -15.08 27.51
N TYR A 253 9.86 -14.33 28.27
CA TYR A 253 11.31 -14.47 28.16
C TYR A 253 11.77 -15.72 28.90
N ASN A 254 12.50 -16.57 28.20
CA ASN A 254 12.84 -17.91 28.69
C ASN A 254 13.42 -17.88 30.10
N THR A 263 12.41 -21.17 24.84
CA THR A 263 13.05 -20.19 23.97
C THR A 263 12.63 -18.77 24.35
N ASN A 264 13.44 -17.79 23.96
CA ASN A 264 13.19 -16.39 24.26
C ASN A 264 12.12 -15.87 23.30
N ARG A 265 10.86 -16.19 23.59
CA ARG A 265 9.77 -15.75 22.74
C ARG A 265 9.66 -14.23 22.72
N LEU A 266 10.13 -13.55 23.77
CA LEU A 266 10.10 -12.09 23.76
C LEU A 266 10.99 -11.53 22.66
N GLN A 267 12.19 -12.09 22.49
CA GLN A 267 13.08 -11.64 21.42
C GLN A 267 12.49 -11.94 20.05
N ALA A 268 11.84 -13.11 19.91
CA ALA A 268 11.19 -13.42 18.64
C ALA A 268 10.08 -12.43 18.34
N ALA A 269 9.30 -12.07 19.36
CA ALA A 269 8.25 -11.06 19.17
C ALA A 269 8.85 -9.71 18.80
N LEU A 270 9.98 -9.36 19.41
CA LEU A 270 10.64 -8.11 19.06
C LEU A 270 11.09 -8.11 17.60
N LYS A 271 11.66 -9.22 17.15
CA LYS A 271 12.06 -9.32 15.74
C LYS A 271 10.86 -9.26 14.82
N LEU A 272 9.75 -9.91 15.19
CA LEU A 272 8.55 -9.84 14.38
C LEU A 272 8.01 -8.43 14.30
N PHE A 273 8.03 -7.71 15.43
CA PHE A 273 7.62 -6.31 15.43
C PHE A 273 8.54 -5.47 14.56
N ASP A 274 9.85 -5.73 14.60
CA ASP A 274 10.78 -5.01 13.74
C ASP A 274 10.45 -5.24 12.27
N SER A 275 10.16 -6.49 11.90
CA SER A 275 9.80 -6.79 10.53
C SER A 275 8.51 -6.09 10.14
N ILE A 276 7.51 -6.11 11.03
CA ILE A 276 6.23 -5.47 10.72
C ILE A 276 6.42 -3.98 10.51
N TRP A 277 7.16 -3.33 11.41
CA TRP A 277 7.35 -1.89 11.30
C TRP A 277 8.15 -1.52 10.07
N ASN A 278 9.22 -2.26 9.79
CA ASN A 278 10.12 -1.93 8.70
C ASN A 278 9.67 -2.48 7.35
N ASN A 279 8.60 -3.27 7.31
CA ASN A 279 8.10 -3.77 6.03
C ASN A 279 7.67 -2.60 5.15
N LYS A 280 8.02 -2.69 3.87
CA LYS A 280 7.74 -1.58 2.96
C LYS A 280 6.25 -1.28 2.89
N TRP A 281 5.41 -2.31 2.83
CA TRP A 281 3.98 -2.12 2.65
C TRP A 281 3.25 -1.83 3.95
N LEU A 282 3.90 -2.05 5.10
CA LEU A 282 3.30 -1.75 6.41
C LEU A 282 3.81 -0.43 6.98
N ARG A 283 4.58 0.34 6.21
CA ARG A 283 5.07 1.62 6.70
C ARG A 283 3.96 2.63 6.91
N ASP A 284 2.79 2.42 6.30
CA ASP A 284 1.64 3.30 6.47
C ASP A 284 0.66 2.78 7.51
N THR A 285 0.97 1.68 8.18
CA THR A 285 0.05 1.04 9.12
C THR A 285 0.58 1.21 10.53
N SER A 286 -0.25 1.80 11.40
CA SER A 286 0.09 1.89 12.82
C SER A 286 -0.07 0.53 13.49
N VAL A 287 0.68 0.31 14.56
CA VAL A 287 0.69 -0.95 15.28
C VAL A 287 0.26 -0.68 16.72
N ILE A 288 -0.77 -1.38 17.17
CA ILE A 288 -1.19 -1.34 18.56
C ILE A 288 -0.47 -2.46 19.30
N LEU A 289 0.47 -2.11 20.15
CA LEU A 289 1.34 -3.09 20.83
C LEU A 289 0.72 -3.41 22.18
N PHE A 290 0.07 -4.56 22.27
CA PHE A 290 -0.48 -5.06 23.53
C PHE A 290 0.60 -5.86 24.25
N LEU A 291 1.22 -5.24 25.25
CA LEU A 291 2.22 -5.91 26.09
C LEU A 291 1.47 -6.78 27.09
N ASN A 292 1.01 -7.93 26.60
CA ASN A 292 0.13 -8.79 27.37
C ASN A 292 0.90 -9.54 28.44
N LYS A 293 0.18 -10.34 29.23
CA LYS A 293 0.79 -11.16 30.29
C LYS A 293 1.52 -10.30 31.30
N GLN A 294 0.94 -9.15 31.64
CA GLN A 294 1.56 -8.26 32.61
C GLN A 294 1.57 -8.87 34.01
N ASP A 295 0.50 -9.56 34.40
CA ASP A 295 0.47 -10.20 35.71
C ASP A 295 1.54 -11.28 35.80
N LEU A 296 1.71 -12.05 34.73
CA LEU A 296 2.76 -13.07 34.71
C LEU A 296 4.14 -12.44 34.86
N LEU A 297 4.37 -11.33 34.17
CA LEU A 297 5.65 -10.63 34.30
C LEU A 297 5.86 -10.13 35.72
N ALA A 298 4.80 -9.59 36.33
CA ALA A 298 4.91 -9.10 37.70
C ALA A 298 5.27 -10.23 38.65
N GLU A 299 4.60 -11.38 38.51
CA GLU A 299 4.91 -12.53 39.36
C GLU A 299 6.32 -13.02 39.12
N LYS A 300 6.74 -13.07 37.85
CA LYS A 300 8.07 -13.58 37.52
C LYS A 300 9.18 -12.70 38.07
N VAL A 301 9.02 -11.38 37.98
CA VAL A 301 10.10 -10.48 38.40
C VAL A 301 10.04 -10.17 39.90
N LEU A 302 8.85 -10.20 40.50
CA LEU A 302 8.71 -9.86 41.91
C LEU A 302 9.24 -10.96 42.81
N ALA A 303 8.94 -12.23 42.47
CA ALA A 303 9.29 -13.38 43.30
C ALA A 303 9.92 -14.47 42.43
N GLY A 304 10.89 -14.06 41.60
CA GLY A 304 11.58 -15.01 40.75
C GLY A 304 13.03 -14.62 40.50
N LYS A 305 13.89 -15.63 40.31
CA LYS A 305 15.29 -15.40 40.04
C LYS A 305 15.62 -15.38 38.55
N SER A 306 14.60 -15.46 37.68
CA SER A 306 14.81 -15.40 36.24
C SER A 306 15.12 -13.95 35.87
N LYS A 307 16.38 -13.57 36.04
CA LYS A 307 16.79 -12.19 35.82
C LYS A 307 16.60 -11.81 34.36
N ILE A 308 16.04 -10.61 34.13
CA ILE A 308 15.83 -10.14 32.77
C ILE A 308 17.16 -9.80 32.10
N GLU A 309 18.07 -9.18 32.85
CA GLU A 309 19.34 -8.74 32.27
C GLU A 309 20.18 -9.91 31.76
N ASP A 310 19.90 -11.13 32.19
CA ASP A 310 20.59 -12.29 31.60
C ASP A 310 20.25 -12.41 30.12
N TYR A 311 19.00 -12.14 29.76
CA TYR A 311 18.57 -12.21 28.36
C TYR A 311 18.43 -10.83 27.73
N PHE A 312 18.71 -9.77 28.48
CA PHE A 312 18.74 -8.40 27.94
C PHE A 312 19.77 -7.61 28.74
N PRO A 313 21.05 -7.75 28.40
CA PRO A 313 22.09 -7.12 29.25
C PRO A 313 21.91 -5.63 29.47
N GLU A 314 21.33 -4.93 28.49
CA GLU A 314 21.08 -3.50 28.68
C GLU A 314 20.05 -3.23 29.77
N PHE A 315 19.33 -4.25 30.23
CA PHE A 315 18.39 -4.06 31.33
C PHE A 315 19.09 -3.58 32.59
N ALA A 316 20.26 -4.12 32.90
CA ALA A 316 20.99 -3.68 34.09
C ALA A 316 21.32 -2.20 34.04
N ARG A 317 21.52 -1.65 32.85
CA ARG A 317 21.78 -0.22 32.69
C ARG A 317 20.51 0.60 32.57
N TYR A 318 19.37 -0.04 32.28
CA TYR A 318 18.13 0.69 32.08
C TYR A 318 17.59 1.22 33.40
N THR A 319 16.94 2.39 33.33
CA THR A 319 16.28 2.99 34.48
C THR A 319 14.88 3.44 34.07
N THR A 320 13.94 3.36 35.00
CA THR A 320 12.56 3.73 34.70
C THR A 320 12.49 5.22 34.36
N PRO A 321 11.83 5.59 33.26
CA PRO A 321 11.73 7.02 32.93
C PRO A 321 10.92 7.79 33.97
N GLU A 322 11.27 9.06 34.14
CA GLU A 322 10.54 9.91 35.07
C GLU A 322 9.10 10.13 34.64
N ASP A 323 8.78 9.87 33.37
CA ASP A 323 7.44 10.04 32.84
C ASP A 323 6.54 8.81 33.06
N ALA A 324 7.05 7.77 33.71
CA ALA A 324 6.28 6.56 33.92
C ALA A 324 5.05 6.85 34.78
N THR A 325 3.97 6.14 34.49
CA THR A 325 2.71 6.24 35.23
C THR A 325 2.26 4.84 35.61
N PRO A 326 3.01 4.17 36.49
CA PRO A 326 2.65 2.80 36.87
C PRO A 326 1.39 2.75 37.72
N GLU A 327 0.76 1.58 37.73
CA GLU A 327 -0.41 1.37 38.57
C GLU A 327 -0.01 1.53 40.03
N PRO A 328 -0.77 2.29 40.84
CA PRO A 328 -0.37 2.49 42.24
C PRO A 328 -0.39 1.18 43.04
N GLY A 329 0.78 0.74 43.48
CA GLY A 329 0.89 -0.49 44.24
C GLY A 329 1.92 -1.44 43.66
N GLU A 330 2.27 -1.24 42.39
CA GLU A 330 3.23 -2.11 41.73
C GLU A 330 4.62 -1.91 42.33
N ASP A 331 5.35 -3.01 42.47
CA ASP A 331 6.71 -2.91 42.98
C ASP A 331 7.58 -2.16 41.97
N PRO A 332 8.60 -1.41 42.43
CA PRO A 332 9.46 -0.70 41.47
C PRO A 332 10.09 -1.60 40.43
N ARG A 333 10.44 -2.83 40.81
CA ARG A 333 11.03 -3.76 39.85
C ARG A 333 10.05 -4.09 38.73
N VAL A 334 8.78 -4.29 39.08
CA VAL A 334 7.77 -4.61 38.07
C VAL A 334 7.63 -3.48 37.07
N THR A 335 7.54 -2.25 37.57
CA THR A 335 7.44 -1.10 36.68
C THR A 335 8.69 -0.94 35.82
N ARG A 336 9.86 -1.16 36.42
CA ARG A 336 11.10 -1.05 35.67
C ARG A 336 11.13 -2.05 34.52
N ALA A 337 10.77 -3.31 34.80
CA ALA A 337 10.75 -4.32 33.75
C ALA A 337 9.72 -3.98 32.68
N LYS A 338 8.53 -3.54 33.10
CA LYS A 338 7.48 -3.17 32.16
C LYS A 338 7.96 -2.10 31.20
N TYR A 339 8.50 -1.00 31.75
CA TYR A 339 8.92 0.10 30.89
C TYR A 339 10.16 -0.24 30.09
N PHE A 340 11.02 -1.12 30.62
CA PHE A 340 12.16 -1.59 29.83
C PHE A 340 11.69 -2.33 28.59
N ILE A 341 10.73 -3.24 28.76
CA ILE A 341 10.20 -3.97 27.62
C ILE A 341 9.52 -3.00 26.66
N ARG A 342 8.75 -2.06 27.19
CA ARG A 342 8.08 -1.07 26.34
C ARG A 342 9.09 -0.31 25.50
N ASP A 343 10.13 0.22 26.12
CA ASP A 343 11.15 0.97 25.40
C ASP A 343 11.92 0.09 24.43
N GLU A 344 12.14 -1.19 24.78
CA GLU A 344 12.76 -2.12 23.83
C GLU A 344 11.91 -2.24 22.58
N PHE A 345 10.57 -2.28 22.74
CA PHE A 345 9.71 -2.24 21.57
C PHE A 345 9.74 -0.87 20.91
N LEU A 346 9.95 0.19 21.68
CA LEU A 346 10.09 1.52 21.09
C LEU A 346 11.39 1.66 20.30
N ARG A 347 12.31 0.70 20.43
CA ARG A 347 13.52 0.71 19.61
C ARG A 347 13.16 0.83 18.13
N ILE A 348 12.14 0.09 17.70
CA ILE A 348 11.77 0.06 16.30
C ILE A 348 10.87 1.23 15.96
N SER A 349 9.82 1.42 16.77
CA SER A 349 8.80 2.41 16.43
C SER A 349 9.40 3.81 16.37
N THR A 350 10.26 4.16 17.34
CA THR A 350 10.84 5.50 17.38
C THR A 350 12.02 5.66 16.44
N ALA A 351 12.68 4.57 16.06
CA ALA A 351 13.87 4.67 15.22
C ALA A 351 13.56 5.23 13.83
N SER A 352 12.39 4.90 13.27
CA SER A 352 12.06 5.39 11.94
C SER A 352 12.02 6.91 11.89
N GLY A 353 11.26 7.52 12.79
CA GLY A 353 11.19 8.97 12.87
C GLY A 353 10.47 9.65 11.73
N ASP A 354 9.90 8.90 10.79
CA ASP A 354 9.24 9.50 9.65
C ASP A 354 7.85 10.05 10.00
N GLY A 355 7.25 9.58 11.09
CA GLY A 355 5.90 10.00 11.44
C GLY A 355 4.81 9.45 10.55
N ARG A 356 5.15 8.57 9.60
CA ARG A 356 4.14 8.01 8.71
C ARG A 356 3.19 7.09 9.46
N HIS A 357 3.70 6.33 10.43
CA HIS A 357 2.87 5.47 11.26
C HIS A 357 3.45 5.47 12.67
N TYR A 358 2.59 5.23 13.65
CA TYR A 358 2.96 5.34 15.06
C TYR A 358 2.60 4.06 15.80
N CYS A 359 3.37 3.78 16.84
CA CYS A 359 3.15 2.63 17.71
C CYS A 359 2.53 3.11 19.01
N TYR A 360 1.62 2.29 19.56
CA TYR A 360 0.85 2.64 20.76
C TYR A 360 1.00 1.51 21.77
N PRO A 361 2.11 1.46 22.51
CA PRO A 361 2.27 0.42 23.52
C PRO A 361 1.21 0.54 24.61
N HIS A 362 0.77 -0.62 25.12
CA HIS A 362 -0.23 -0.68 26.17
C HIS A 362 0.05 -1.87 27.06
N PHE A 363 0.20 -1.62 28.36
CA PHE A 363 0.32 -2.71 29.32
C PHE A 363 -1.06 -3.32 29.56
N THR A 364 -1.24 -4.57 29.15
CA THR A 364 -2.54 -5.21 29.13
C THR A 364 -2.45 -6.60 29.75
N CYS A 365 -3.59 -7.07 30.27
CA CYS A 365 -3.74 -8.45 30.71
C CYS A 365 -4.77 -9.13 29.80
N SER A 366 -4.60 -10.45 29.64
CA SER A 366 -5.41 -11.18 28.67
C SER A 366 -6.91 -11.05 28.94
N VAL A 367 -7.32 -10.80 30.18
CA VAL A 367 -8.72 -10.76 30.54
C VAL A 367 -9.23 -9.35 30.81
N ASP A 368 -8.41 -8.32 30.56
CA ASP A 368 -8.84 -6.95 30.79
C ASP A 368 -9.97 -6.58 29.85
N THR A 369 -11.05 -6.01 30.41
CA THR A 369 -12.14 -5.52 29.58
C THR A 369 -11.77 -4.20 28.90
N GLU A 370 -10.77 -3.48 29.44
CA GLU A 370 -10.39 -2.21 28.86
C GLU A 370 -9.75 -2.39 27.49
N ASN A 371 -9.32 -3.60 27.16
CA ASN A 371 -8.63 -3.83 25.89
C ASN A 371 -9.45 -3.31 24.71
N ILE A 372 -10.76 -3.52 24.74
CA ILE A 372 -11.62 -2.97 23.69
C ILE A 372 -11.54 -1.44 23.70
N ARG A 373 -11.60 -0.84 24.88
CA ARG A 373 -11.46 0.60 24.99
C ARG A 373 -10.08 1.05 24.54
N ARG A 374 -9.05 0.24 24.84
CA ARG A 374 -7.71 0.57 24.37
C ARG A 374 -7.66 0.61 22.85
N VAL A 375 -8.29 -0.38 22.19
CA VAL A 375 -8.31 -0.40 20.74
C VAL A 375 -9.08 0.79 20.19
N PHE A 376 -10.20 1.13 20.82
CA PHE A 376 -10.99 2.27 20.37
C PHE A 376 -10.19 3.56 20.46
N ASN A 377 -9.51 3.78 21.60
CA ASN A 377 -8.70 4.97 21.77
C ASN A 377 -7.54 4.99 20.79
N ASP A 378 -6.93 3.83 20.54
CA ASP A 378 -5.81 3.76 19.61
C ASP A 378 -6.27 4.11 18.20
N CYS A 379 -7.43 3.62 17.79
CA CYS A 379 -7.97 3.98 16.48
C CYS A 379 -8.26 5.46 16.39
N ARG A 380 -8.85 6.04 17.46
CA ARG A 380 -9.08 7.48 17.49
C ARG A 380 -7.77 8.22 17.28
N ASP A 381 -6.73 7.85 18.04
CA ASP A 381 -5.45 8.53 17.95
C ASP A 381 -4.83 8.38 16.56
N ILE A 382 -4.92 7.18 15.98
CA ILE A 382 -4.34 6.95 14.66
C ILE A 382 -5.03 7.82 13.62
N ILE A 383 -6.36 7.85 13.64
CA ILE A 383 -7.09 8.65 12.66
C ILE A 383 -6.78 10.13 12.85
N GLN A 384 -6.76 10.59 14.11
CA GLN A 384 -6.49 11.99 14.39
C GLN A 384 -5.09 12.38 13.92
N ARG A 385 -4.10 11.52 14.18
CA ARG A 385 -2.74 11.82 13.76
C ARG A 385 -2.60 11.81 12.25
N MET A 386 -3.27 10.87 11.56
CA MET A 386 -3.23 10.86 10.11
C MET A 386 -3.83 12.14 9.55
N HIS A 387 -4.98 12.58 10.09
CA HIS A 387 -5.59 13.81 9.62
C HIS A 387 -4.70 15.01 9.90
N LEU A 388 -4.10 15.07 11.09
CA LEU A 388 -3.23 16.20 11.43
C LEU A 388 -2.02 16.24 10.50
N ARG A 389 -1.42 15.09 10.22
CA ARG A 389 -0.30 15.05 9.29
C ARG A 389 -0.74 15.50 7.89
N GLN A 390 -1.93 15.09 7.47
CA GLN A 390 -2.48 15.58 6.21
C GLN A 390 -2.64 17.09 6.23
N TYR A 391 -3.10 17.63 7.35
CA TYR A 391 -3.30 19.07 7.50
C TYR A 391 -2.04 19.80 7.92
N GLU A 392 -0.89 19.15 7.90
CA GLU A 392 0.40 19.72 8.25
C GLU A 392 0.51 20.09 9.73
N LEU A 393 -0.42 19.61 10.56
CA LEU A 393 -0.37 19.89 11.99
C LEU A 393 0.55 18.92 12.74
N LEU A 394 1.07 17.91 12.07
CA LEU A 394 2.01 16.98 12.69
C LEU A 394 3.08 16.56 11.68
N GLU B 8 22.31 -41.68 8.08
CA GLU B 8 21.82 -41.73 6.67
C GLU B 8 21.49 -40.33 6.17
N LEU B 9 21.11 -39.44 7.09
CA LEU B 9 20.74 -38.08 6.70
C LEU B 9 21.92 -37.34 6.08
N ASP B 10 23.11 -37.53 6.64
CA ASP B 10 24.30 -36.93 6.03
C ASP B 10 24.55 -37.51 4.64
N GLN B 11 24.37 -38.83 4.48
CA GLN B 11 24.46 -39.43 3.16
C GLN B 11 23.38 -38.88 2.23
N LEU B 12 22.18 -38.62 2.76
CA LEU B 12 21.14 -37.98 1.96
C LEU B 12 21.59 -36.60 1.49
N ARG B 13 22.20 -35.82 2.37
CA ARG B 13 22.66 -34.48 1.98
C ARG B 13 23.73 -34.60 0.89
N GLN B 14 24.67 -35.52 1.06
CA GLN B 14 25.73 -35.69 0.06
C GLN B 14 25.15 -36.11 -1.28
N GLU B 15 24.21 -37.06 -1.26
CA GLU B 15 23.61 -37.54 -2.49
C GLU B 15 22.83 -36.44 -3.19
N ALA B 16 22.07 -35.65 -2.43
CA ALA B 16 21.33 -34.55 -3.03
C ALA B 16 22.28 -33.52 -3.62
N GLU B 17 23.38 -33.22 -2.93
CA GLU B 17 24.35 -32.26 -3.43
C GLU B 17 24.97 -32.73 -4.74
N GLN B 18 25.33 -34.01 -4.82
CA GLN B 18 25.99 -34.49 -6.03
C GLN B 18 24.99 -34.66 -7.17
N LEU B 19 23.73 -34.97 -6.85
CA LEU B 19 22.67 -34.92 -7.86
C LEU B 19 22.51 -33.51 -8.43
N LYS B 20 22.48 -32.51 -7.55
CA LYS B 20 22.36 -31.14 -8.01
C LYS B 20 23.56 -30.73 -8.86
N ASN B 21 24.75 -31.17 -8.46
CA ASN B 21 25.94 -30.90 -9.27
C ASN B 21 25.85 -31.55 -10.64
N GLN B 22 25.36 -32.79 -10.69
CA GLN B 22 25.20 -33.47 -11.97
C GLN B 22 24.21 -32.73 -12.86
N ILE B 23 23.08 -32.29 -12.29
CA ILE B 23 22.09 -31.58 -13.09
C ILE B 23 22.64 -30.23 -13.54
N ARG B 24 23.41 -29.56 -12.69
CA ARG B 24 24.04 -28.31 -13.09
C ARG B 24 25.01 -28.52 -14.24
N ASP B 25 25.80 -29.60 -14.19
CA ASP B 25 26.69 -29.92 -15.29
C ASP B 25 25.91 -30.21 -16.57
N ALA B 26 24.81 -30.96 -16.46
CA ALA B 26 24.00 -31.25 -17.64
C ALA B 26 23.44 -29.97 -18.24
N ARG B 27 22.94 -29.06 -17.40
CA ARG B 27 22.42 -27.79 -17.90
C ARG B 27 23.54 -26.96 -18.54
N LYS B 28 24.73 -26.98 -17.94
CA LYS B 28 25.86 -26.25 -18.53
C LYS B 28 26.21 -26.80 -19.90
N ALA B 29 26.17 -28.12 -20.06
CA ALA B 29 26.49 -28.72 -21.35
C ALA B 29 25.51 -28.25 -22.43
N CYS B 30 24.23 -28.11 -22.10
CA CYS B 30 23.26 -27.65 -23.08
C CYS B 30 23.41 -26.16 -23.35
N ALA B 31 24.12 -25.44 -22.48
CA ALA B 31 24.29 -23.99 -22.65
C ALA B 31 25.38 -23.69 -23.67
N ASP B 32 25.20 -24.15 -24.92
CA ASP B 32 26.17 -23.87 -25.96
C ASP B 32 26.18 -22.39 -26.32
N ALA B 33 24.99 -21.80 -26.46
CA ALA B 33 24.85 -20.39 -26.79
C ALA B 33 23.64 -19.82 -26.07
N THR B 34 23.81 -18.61 -25.52
CA THR B 34 22.73 -17.96 -24.78
C THR B 34 21.70 -17.38 -25.74
N LEU B 35 20.49 -17.17 -25.21
CA LEU B 35 19.41 -16.60 -26.01
C LEU B 35 19.75 -15.19 -26.46
N SER B 36 20.36 -14.40 -25.59
CA SER B 36 20.66 -13.01 -25.93
C SER B 36 21.57 -12.90 -27.15
N GLN B 37 22.63 -13.71 -27.17
CA GLN B 37 23.55 -13.67 -28.31
C GLN B 37 22.86 -14.12 -29.59
N ILE B 38 22.03 -15.17 -29.50
CA ILE B 38 21.36 -15.70 -30.69
C ILE B 38 20.37 -14.68 -31.23
N THR B 39 19.71 -13.94 -30.34
CA THR B 39 18.70 -12.96 -30.74
C THR B 39 19.28 -11.58 -31.04
N ASN B 40 20.61 -11.43 -31.00
CA ASN B 40 21.22 -10.11 -31.20
C ASN B 40 20.89 -9.54 -32.58
N ASN B 41 20.80 -10.39 -33.59
CA ASN B 41 20.62 -9.92 -34.96
C ASN B 41 19.18 -9.50 -35.26
N ILE B 42 18.22 -9.88 -34.42
CA ILE B 42 16.82 -9.54 -34.67
C ILE B 42 16.62 -8.05 -34.42
N ASP B 43 15.77 -7.44 -35.23
CA ASP B 43 15.44 -6.03 -35.06
C ASP B 43 14.70 -5.84 -33.74
N PRO B 44 15.18 -4.98 -32.84
CA PRO B 44 14.49 -4.80 -31.56
C PRO B 44 13.13 -4.16 -31.75
N VAL B 45 12.25 -4.40 -30.77
CA VAL B 45 10.91 -3.83 -30.80
C VAL B 45 10.96 -2.31 -30.83
N GLY B 46 12.02 -1.71 -30.29
CA GLY B 46 12.14 -0.27 -30.30
C GLY B 46 11.43 0.34 -29.12
N ARG B 47 10.70 1.42 -29.36
CA ARG B 47 9.96 2.14 -28.33
C ARG B 47 8.48 2.12 -28.66
N ILE B 48 7.69 1.53 -27.77
CA ILE B 48 6.23 1.47 -27.90
C ILE B 48 5.62 2.16 -26.70
N GLN B 49 4.67 3.06 -26.96
CA GLN B 49 4.07 3.89 -25.92
C GLN B 49 2.60 3.51 -25.78
N MET B 50 2.32 2.61 -24.83
CA MET B 50 0.95 2.21 -24.56
C MET B 50 0.34 3.15 -23.52
N ARG B 51 -0.88 3.60 -23.79
CA ARG B 51 -1.55 4.58 -22.95
C ARG B 51 -2.84 3.99 -22.37
N THR B 52 -3.23 4.53 -21.22
CA THR B 52 -4.42 4.05 -20.52
C THR B 52 -5.64 4.28 -21.39
N ARG B 53 -6.26 3.19 -21.85
CA ARG B 53 -7.44 3.29 -22.69
C ARG B 53 -8.73 3.25 -21.88
N ARG B 54 -8.79 2.42 -20.84
CA ARG B 54 -9.95 2.36 -19.96
C ARG B 54 -9.48 2.34 -18.52
N THR B 55 -10.15 3.10 -17.67
CA THR B 55 -9.86 3.16 -16.24
C THR B 55 -11.08 2.63 -15.49
N LEU B 56 -10.93 1.47 -14.86
CA LEU B 56 -12.03 0.82 -14.16
C LEU B 56 -12.05 1.29 -12.71
N ARG B 57 -13.11 2.00 -12.33
CA ARG B 57 -13.26 2.52 -10.99
C ARG B 57 -14.47 1.89 -10.33
N GLY B 58 -14.41 1.73 -9.01
CA GLY B 58 -15.50 1.13 -8.26
C GLY B 58 -15.03 0.23 -7.12
N HIS B 59 -13.82 -0.30 -7.24
CA HIS B 59 -13.26 -1.10 -6.15
C HIS B 59 -12.96 -0.22 -4.95
N LEU B 60 -13.27 -0.72 -3.75
CA LEU B 60 -13.09 0.05 -2.53
C LEU B 60 -11.72 -0.14 -1.90
N ALA B 61 -11.21 -1.36 -1.86
CA ALA B 61 -9.90 -1.66 -1.31
C ALA B 61 -8.93 -1.95 -2.45
N LYS B 62 -7.67 -2.21 -2.08
CA LYS B 62 -6.63 -2.39 -3.09
C LYS B 62 -6.88 -3.68 -3.87
N ILE B 63 -6.72 -3.60 -5.19
CA ILE B 63 -6.88 -4.78 -6.04
C ILE B 63 -5.62 -5.61 -5.95
N TYR B 64 -5.78 -6.93 -5.85
CA TYR B 64 -4.65 -7.83 -5.68
C TYR B 64 -4.54 -8.89 -6.77
N ALA B 65 -5.62 -9.17 -7.49
CA ALA B 65 -5.59 -10.22 -8.51
C ALA B 65 -6.52 -9.84 -9.65
N MET B 66 -6.30 -10.46 -10.80
CA MET B 66 -7.08 -10.20 -12.00
C MET B 66 -6.86 -11.34 -12.99
N HIS B 67 -7.82 -11.51 -13.90
CA HIS B 67 -7.72 -12.52 -14.95
C HIS B 67 -8.62 -12.14 -16.11
N TRP B 68 -8.05 -12.11 -17.30
CA TRP B 68 -8.82 -11.83 -18.50
C TRP B 68 -9.65 -13.05 -18.89
N GLY B 69 -10.82 -12.79 -19.48
CA GLY B 69 -11.63 -13.88 -19.99
C GLY B 69 -11.17 -14.31 -21.38
N THR B 70 -11.54 -15.53 -21.75
CA THR B 70 -11.17 -16.06 -23.05
C THR B 70 -11.81 -15.27 -24.19
N ASP B 71 -13.02 -14.73 -23.98
CA ASP B 71 -13.67 -13.93 -24.99
C ASP B 71 -13.00 -12.58 -25.18
N SER B 72 -12.08 -12.20 -24.30
CA SER B 72 -11.36 -10.93 -24.36
C SER B 72 -12.27 -9.74 -24.17
N ARG B 73 -13.48 -9.94 -23.67
CA ARG B 73 -14.44 -8.87 -23.43
C ARG B 73 -14.71 -8.66 -21.96
N LEU B 74 -15.02 -9.72 -21.23
CA LEU B 74 -15.28 -9.63 -19.80
C LEU B 74 -14.05 -10.04 -19.02
N LEU B 75 -13.80 -9.32 -17.92
CA LEU B 75 -12.66 -9.59 -17.05
C LEU B 75 -13.12 -9.55 -15.59
N VAL B 76 -12.49 -10.39 -14.78
CA VAL B 76 -12.78 -10.47 -13.36
C VAL B 76 -11.59 -9.92 -12.58
N SER B 77 -11.88 -9.12 -11.55
CA SER B 77 -10.84 -8.55 -10.70
C SER B 77 -11.26 -8.71 -9.26
N ALA B 78 -10.27 -8.91 -8.38
CA ALA B 78 -10.50 -9.17 -6.97
C ALA B 78 -9.84 -8.08 -6.13
N SER B 79 -10.61 -7.50 -5.23
CA SER B 79 -10.11 -6.55 -4.24
C SER B 79 -10.49 -7.04 -2.85
N GLN B 80 -9.66 -6.70 -1.87
CA GLN B 80 -9.81 -7.26 -0.53
C GLN B 80 -10.93 -6.60 0.27
N ASP B 81 -11.79 -5.82 -0.37
CA ASP B 81 -12.95 -5.25 0.30
C ASP B 81 -14.13 -6.21 0.36
N GLY B 82 -13.92 -7.49 0.04
CA GLY B 82 -15.01 -8.45 0.02
C GLY B 82 -15.84 -8.40 -1.24
N LYS B 83 -15.29 -7.88 -2.33
CA LYS B 83 -16.01 -7.71 -3.59
C LYS B 83 -15.19 -8.27 -4.75
N LEU B 84 -15.87 -8.97 -5.66
CA LEU B 84 -15.27 -9.53 -6.86
C LEU B 84 -16.08 -9.03 -8.05
N ILE B 85 -15.55 -8.02 -8.75
CA ILE B 85 -16.28 -7.33 -9.80
C ILE B 85 -15.88 -7.90 -11.15
N ILE B 86 -16.88 -8.15 -12.00
CA ILE B 86 -16.67 -8.51 -13.39
C ILE B 86 -16.95 -7.27 -14.24
N TRP B 87 -15.96 -6.87 -15.04
CA TRP B 87 -16.03 -5.64 -15.81
C TRP B 87 -16.15 -5.95 -17.29
N ASP B 88 -17.00 -5.18 -17.97
CA ASP B 88 -17.05 -5.20 -19.43
C ASP B 88 -15.94 -4.29 -19.96
N SER B 89 -14.93 -4.89 -20.59
CA SER B 89 -13.75 -4.12 -20.99
C SER B 89 -14.10 -3.02 -22.00
N TYR B 90 -14.92 -3.33 -22.99
CA TYR B 90 -15.18 -2.37 -24.05
C TYR B 90 -15.94 -1.15 -23.55
N THR B 91 -16.97 -1.37 -22.73
CA THR B 91 -17.86 -0.30 -22.29
C THR B 91 -17.59 0.17 -20.87
N THR B 92 -16.72 -0.50 -20.13
CA THR B 92 -16.41 -0.22 -18.73
C THR B 92 -17.55 -0.59 -17.79
N ASN B 93 -18.68 -1.05 -18.31
CA ASN B 93 -19.79 -1.42 -17.45
C ASN B 93 -19.46 -2.68 -16.65
N LYS B 94 -19.84 -2.66 -15.37
CA LYS B 94 -19.61 -3.82 -14.50
C LYS B 94 -20.74 -4.82 -14.73
N VAL B 95 -20.40 -5.98 -15.29
CA VAL B 95 -21.41 -7.00 -15.53
C VAL B 95 -21.93 -7.57 -14.22
N HIS B 96 -21.04 -7.82 -13.26
CA HIS B 96 -21.42 -8.38 -11.97
C HIS B 96 -20.56 -7.76 -10.88
N ALA B 97 -21.09 -7.76 -9.66
CA ALA B 97 -20.37 -7.29 -8.47
C ALA B 97 -20.65 -8.30 -7.36
N ILE B 98 -19.78 -9.31 -7.26
CA ILE B 98 -20.01 -10.43 -6.36
C ILE B 98 -19.47 -10.11 -4.97
N PRO B 99 -20.30 -10.08 -3.94
CA PRO B 99 -19.77 -9.91 -2.57
C PRO B 99 -19.18 -11.23 -2.07
N LEU B 100 -17.96 -11.14 -1.53
CA LEU B 100 -17.22 -12.31 -1.09
C LEU B 100 -17.42 -12.53 0.41
N ARG B 101 -17.64 -13.78 0.80
CA ARG B 101 -17.79 -14.11 2.20
C ARG B 101 -16.54 -13.81 3.01
N SER B 102 -15.37 -13.85 2.38
CA SER B 102 -14.10 -13.51 3.01
C SER B 102 -13.55 -12.25 2.38
N SER B 103 -13.27 -11.24 3.21
CA SER B 103 -12.81 -9.96 2.69
C SER B 103 -11.46 -10.07 2.01
N TRP B 104 -10.55 -10.86 2.59
CA TRP B 104 -9.16 -10.90 2.14
C TRP B 104 -8.95 -11.85 0.96
N VAL B 105 -9.60 -11.57 -0.17
CA VAL B 105 -9.41 -12.40 -1.36
C VAL B 105 -8.06 -12.07 -1.98
N MET B 106 -7.32 -13.12 -2.35
CA MET B 106 -6.01 -12.96 -2.96
C MET B 106 -5.90 -13.49 -4.38
N THR B 107 -6.91 -14.20 -4.89
CA THR B 107 -6.86 -14.72 -6.24
C THR B 107 -8.24 -14.68 -6.86
N CYS B 108 -8.28 -14.65 -8.19
CA CYS B 108 -9.51 -14.75 -8.94
C CYS B 108 -9.21 -15.43 -10.28
N ALA B 109 -10.21 -16.14 -10.80
CA ALA B 109 -10.08 -16.86 -12.05
C ALA B 109 -11.41 -16.86 -12.77
N TYR B 110 -11.35 -16.67 -14.09
CA TYR B 110 -12.54 -16.67 -14.93
C TYR B 110 -12.49 -17.90 -15.83
N ALA B 111 -13.53 -18.72 -15.78
CA ALA B 111 -13.52 -19.98 -16.50
C ALA B 111 -13.41 -19.73 -18.01
N PRO B 112 -12.72 -20.60 -18.74
CA PRO B 112 -12.63 -20.41 -20.20
C PRO B 112 -13.98 -20.32 -20.87
N SER B 113 -14.97 -21.11 -20.44
CA SER B 113 -16.32 -20.99 -20.97
C SER B 113 -17.06 -19.80 -20.36
N GLY B 114 -16.56 -19.24 -19.26
CA GLY B 114 -17.18 -18.09 -18.65
C GLY B 114 -18.37 -18.41 -17.78
N ASN B 115 -18.71 -19.69 -17.60
CA ASN B 115 -19.87 -20.06 -16.79
C ASN B 115 -19.58 -19.93 -15.29
N TYR B 116 -18.31 -19.99 -14.90
CA TYR B 116 -17.94 -20.00 -13.49
C TYR B 116 -16.77 -19.05 -13.24
N VAL B 117 -16.69 -18.56 -12.00
CA VAL B 117 -15.61 -17.72 -11.54
C VAL B 117 -15.14 -18.22 -10.19
N ALA B 118 -13.83 -18.26 -10.00
CA ALA B 118 -13.23 -18.73 -8.76
C ALA B 118 -12.43 -17.61 -8.11
N CYS B 119 -12.37 -17.65 -6.78
CA CYS B 119 -11.57 -16.70 -6.02
C CYS B 119 -11.23 -17.31 -4.67
N GLY B 120 -10.20 -16.75 -4.04
CA GLY B 120 -9.76 -17.25 -2.76
C GLY B 120 -8.73 -16.33 -2.15
N GLY B 121 -8.38 -16.62 -0.90
CA GLY B 121 -7.41 -15.81 -0.18
C GLY B 121 -7.05 -16.37 1.17
N LEU B 122 -6.98 -15.50 2.18
CA LEU B 122 -6.61 -15.93 3.52
C LEU B 122 -7.61 -16.91 4.14
N ASP B 123 -8.82 -17.00 3.60
CA ASP B 123 -9.80 -17.94 4.13
C ASP B 123 -9.41 -19.39 3.86
N ASN B 124 -8.41 -19.62 3.01
CA ASN B 124 -7.99 -20.97 2.61
C ASN B 124 -9.09 -21.70 1.85
N ILE B 125 -10.00 -20.96 1.24
CA ILE B 125 -11.12 -21.52 0.50
C ILE B 125 -11.13 -20.92 -0.90
N CYS B 126 -11.21 -21.78 -1.91
CA CYS B 126 -11.33 -21.35 -3.30
C CYS B 126 -12.81 -21.47 -3.68
N SER B 127 -13.54 -20.37 -3.52
CA SER B 127 -14.98 -20.36 -3.77
C SER B 127 -15.24 -20.25 -5.27
N ILE B 128 -16.21 -21.03 -5.75
CA ILE B 128 -16.60 -21.06 -7.15
C ILE B 128 -17.95 -20.37 -7.28
N TYR B 129 -18.04 -19.39 -8.18
CA TYR B 129 -19.25 -18.61 -8.39
C TYR B 129 -19.80 -18.91 -9.77
N ASN B 130 -21.09 -19.22 -9.84
CA ASN B 130 -21.75 -19.51 -11.11
C ASN B 130 -22.35 -18.21 -11.66
N LEU B 131 -21.81 -17.73 -12.77
CA LEU B 131 -22.28 -16.48 -13.35
C LEU B 131 -23.59 -16.63 -14.11
N LYS B 132 -23.94 -17.83 -14.55
CA LYS B 132 -25.05 -18.06 -15.47
C LYS B 132 -26.04 -19.05 -14.89
N THR B 133 -26.42 -18.84 -13.63
CA THR B 133 -27.50 -19.63 -13.05
C THR B 133 -28.82 -19.28 -13.72
N ARG B 134 -29.71 -20.27 -13.79
CA ARG B 134 -31.00 -20.06 -14.45
C ARG B 134 -31.79 -18.92 -13.83
N GLU B 135 -31.59 -18.65 -12.54
CA GLU B 135 -32.25 -17.51 -11.91
C GLU B 135 -31.65 -16.18 -12.34
N GLY B 136 -30.44 -16.19 -12.91
CA GLY B 136 -29.77 -14.98 -13.33
C GLY B 136 -28.83 -14.38 -12.30
N ASN B 137 -28.92 -14.78 -11.04
CA ASN B 137 -28.05 -14.24 -10.01
C ASN B 137 -26.75 -15.04 -9.96
N VAL B 138 -25.74 -14.45 -9.31
CA VAL B 138 -24.45 -15.09 -9.11
C VAL B 138 -24.41 -15.61 -7.68
N ARG B 139 -24.18 -16.92 -7.54
CA ARG B 139 -24.21 -17.58 -6.24
C ARG B 139 -23.02 -18.52 -6.13
N VAL B 140 -22.59 -18.76 -4.88
CA VAL B 140 -21.49 -19.68 -4.63
C VAL B 140 -21.91 -21.07 -5.09
N SER B 141 -21.11 -21.66 -5.98
CA SER B 141 -21.40 -23.01 -6.48
C SER B 141 -20.69 -24.09 -5.67
N ARG B 142 -19.43 -23.87 -5.31
CA ARG B 142 -18.67 -24.83 -4.54
C ARG B 142 -17.60 -24.10 -3.74
N GLU B 143 -17.28 -24.64 -2.56
CA GLU B 143 -16.25 -24.09 -1.69
C GLU B 143 -15.18 -25.17 -1.51
N LEU B 144 -13.96 -24.87 -1.95
CA LEU B 144 -12.84 -25.81 -1.86
C LEU B 144 -12.02 -25.45 -0.63
N ALA B 145 -12.31 -26.11 0.48
CA ALA B 145 -11.72 -25.77 1.78
C ALA B 145 -10.66 -26.75 2.25
N GLY B 146 -10.13 -27.59 1.36
CA GLY B 146 -9.13 -28.56 1.76
C GLY B 146 -7.74 -28.01 1.95
N HIS B 147 -7.46 -26.81 1.46
CA HIS B 147 -6.13 -26.23 1.60
C HIS B 147 -5.89 -25.78 3.04
N THR B 148 -4.64 -25.89 3.48
CA THR B 148 -4.24 -25.49 4.82
C THR B 148 -3.55 -24.13 4.85
N GLY B 149 -3.63 -23.38 3.76
CA GLY B 149 -3.01 -22.07 3.69
C GLY B 149 -3.78 -21.16 2.76
N TYR B 150 -3.39 -19.89 2.78
CA TYR B 150 -4.06 -18.89 1.95
C TYR B 150 -3.92 -19.24 0.47
N LEU B 151 -5.01 -19.06 -0.28
CA LEU B 151 -4.99 -19.29 -1.72
C LEU B 151 -4.30 -18.12 -2.40
N SER B 152 -3.17 -18.41 -3.05
CA SER B 152 -2.41 -17.38 -3.76
C SER B 152 -2.81 -17.23 -5.21
N CYS B 153 -3.14 -18.32 -5.89
CA CYS B 153 -3.51 -18.26 -7.29
C CYS B 153 -4.43 -19.44 -7.61
N CYS B 154 -5.28 -19.24 -8.63
CA CYS B 154 -6.18 -20.28 -9.11
C CYS B 154 -6.42 -20.08 -10.60
N ARG B 155 -6.56 -21.19 -11.32
CA ARG B 155 -6.77 -21.14 -12.77
C ARG B 155 -7.65 -22.31 -13.17
N PHE B 156 -8.67 -22.03 -13.97
CA PHE B 156 -9.57 -23.08 -14.44
C PHE B 156 -8.92 -23.85 -15.59
N LEU B 157 -8.86 -25.18 -15.45
CA LEU B 157 -8.58 -26.03 -16.59
C LEU B 157 -9.82 -26.18 -17.47
N ASP B 158 -10.98 -26.24 -16.84
CA ASP B 158 -12.26 -26.31 -17.54
C ASP B 158 -13.36 -26.00 -16.53
N ASP B 159 -14.61 -26.22 -16.95
CA ASP B 159 -15.74 -25.92 -16.07
C ASP B 159 -15.74 -26.79 -14.82
N ASN B 160 -15.02 -27.91 -14.83
CA ASN B 160 -15.02 -28.84 -13.70
C ASN B 160 -13.66 -28.99 -13.04
N GLN B 161 -12.56 -28.64 -13.71
CA GLN B 161 -11.22 -28.80 -13.16
C GLN B 161 -10.60 -27.42 -12.95
N ILE B 162 -10.14 -27.15 -11.73
CA ILE B 162 -9.47 -25.90 -11.39
C ILE B 162 -8.21 -26.23 -10.60
N VAL B 163 -7.08 -25.64 -11.01
CA VAL B 163 -5.84 -25.78 -10.27
C VAL B 163 -5.72 -24.61 -9.30
N THR B 164 -5.35 -24.92 -8.06
CA THR B 164 -5.29 -23.91 -7.00
C THR B 164 -3.93 -23.97 -6.33
N SER B 165 -3.42 -22.80 -5.97
CA SER B 165 -2.18 -22.66 -5.20
C SER B 165 -2.52 -22.12 -3.83
N SER B 166 -1.75 -22.55 -2.83
CA SER B 166 -2.06 -22.25 -1.44
C SER B 166 -0.79 -21.90 -0.70
N GLY B 167 -0.95 -21.17 0.40
CA GLY B 167 0.17 -20.84 1.27
C GLY B 167 0.78 -22.06 1.92
N ASP B 168 0.10 -23.20 1.85
CA ASP B 168 0.61 -24.44 2.42
C ASP B 168 1.79 -25.03 1.63
N THR B 169 2.31 -24.33 0.63
CA THR B 169 3.45 -24.75 -0.18
C THR B 169 3.11 -25.88 -1.14
N THR B 170 1.83 -26.17 -1.35
CA THR B 170 1.41 -27.24 -2.25
C THR B 170 0.28 -26.74 -3.15
N CYS B 171 0.33 -27.17 -4.41
CA CYS B 171 -0.76 -26.91 -5.34
C CYS B 171 -1.69 -28.12 -5.38
N ALA B 172 -2.95 -27.86 -5.73
CA ALA B 172 -3.97 -28.88 -5.72
C ALA B 172 -4.82 -28.78 -6.97
N LEU B 173 -5.21 -29.93 -7.52
CA LEU B 173 -6.14 -30.02 -8.63
C LEU B 173 -7.50 -30.44 -8.09
N TRP B 174 -8.52 -29.65 -8.35
CA TRP B 174 -9.84 -29.82 -7.75
C TRP B 174 -10.86 -30.22 -8.80
N ASP B 175 -11.69 -31.21 -8.44
CA ASP B 175 -12.89 -31.51 -9.22
C ASP B 175 -14.05 -30.71 -8.65
N ILE B 176 -14.50 -29.70 -9.39
CA ILE B 176 -15.46 -28.75 -8.84
C ILE B 176 -16.77 -29.46 -8.50
N GLU B 177 -17.22 -30.38 -9.35
CA GLU B 177 -18.51 -31.03 -9.12
C GLU B 177 -18.54 -31.78 -7.79
N THR B 178 -17.48 -32.54 -7.49
CA THR B 178 -17.41 -33.26 -6.22
C THR B 178 -16.76 -32.42 -5.13
N GLY B 179 -16.01 -31.38 -5.50
CA GLY B 179 -15.37 -30.54 -4.51
C GLY B 179 -14.32 -31.25 -3.69
N GLN B 180 -13.50 -32.09 -4.31
CA GLN B 180 -12.44 -32.82 -3.62
C GLN B 180 -11.15 -32.69 -4.41
N GLN B 181 -10.03 -32.79 -3.71
CA GLN B 181 -8.72 -32.68 -4.34
C GLN B 181 -8.48 -33.91 -5.22
N THR B 182 -8.59 -33.72 -6.54
CA THR B 182 -8.28 -34.81 -7.46
C THR B 182 -6.81 -35.18 -7.39
N THR B 183 -5.92 -34.20 -7.24
CA THR B 183 -4.49 -34.45 -7.14
C THR B 183 -3.85 -33.31 -6.36
N THR B 184 -2.86 -33.67 -5.54
CA THR B 184 -2.11 -32.70 -4.74
C THR B 184 -0.66 -32.68 -5.22
N PHE B 185 -0.15 -31.48 -5.44
CA PHE B 185 1.20 -31.26 -5.94
C PHE B 185 2.08 -30.81 -4.78
N THR B 186 2.98 -31.67 -4.34
CA THR B 186 3.89 -31.39 -3.23
C THR B 186 5.33 -31.38 -3.72
N GLY B 187 6.18 -30.64 -3.03
CA GLY B 187 7.57 -30.53 -3.40
C GLY B 187 8.13 -29.13 -3.22
N HIS B 188 7.25 -28.13 -3.29
CA HIS B 188 7.68 -26.75 -3.11
C HIS B 188 8.01 -26.50 -1.64
N THR B 189 9.18 -25.90 -1.39
CA THR B 189 9.61 -25.65 -0.02
C THR B 189 8.90 -24.46 0.60
N GLY B 190 8.63 -23.41 -0.19
CA GLY B 190 8.03 -22.21 0.33
C GLY B 190 6.59 -22.02 -0.13
N ASP B 191 6.03 -20.86 0.21
CA ASP B 191 4.65 -20.55 -0.11
C ASP B 191 4.48 -20.39 -1.62
N VAL B 192 3.53 -21.12 -2.19
CA VAL B 192 3.28 -21.05 -3.63
C VAL B 192 2.49 -19.78 -3.91
N MET B 193 2.96 -18.98 -4.87
CA MET B 193 2.39 -17.67 -5.12
C MET B 193 1.55 -17.59 -6.39
N SER B 194 2.06 -18.09 -7.51
CA SER B 194 1.40 -17.88 -8.79
C SER B 194 1.30 -19.19 -9.55
N LEU B 195 0.25 -19.30 -10.37
CA LEU B 195 0.03 -20.44 -11.25
C LEU B 195 -0.11 -19.96 -12.69
N SER B 196 0.32 -20.81 -13.61
CA SER B 196 0.13 -20.59 -15.04
C SER B 196 -0.22 -21.91 -15.69
N LEU B 197 -1.33 -21.96 -16.41
CA LEU B 197 -1.71 -23.15 -17.15
C LEU B 197 -1.15 -23.10 -18.56
N ALA B 198 -0.63 -24.23 -19.02
CA ALA B 198 -0.08 -24.29 -20.37
C ALA B 198 -1.21 -24.16 -21.39
N PRO B 199 -0.88 -23.77 -22.63
CA PRO B 199 -1.93 -23.64 -23.65
C PRO B 199 -2.74 -24.91 -23.84
N ASP B 200 -2.12 -26.08 -23.74
CA ASP B 200 -2.82 -27.34 -23.86
C ASP B 200 -3.48 -27.78 -22.55
N THR B 201 -3.26 -27.05 -21.46
CA THR B 201 -3.84 -27.37 -20.16
C THR B 201 -3.32 -28.69 -19.61
N ARG B 202 -2.20 -29.18 -20.15
CA ARG B 202 -1.60 -30.43 -19.69
C ARG B 202 -0.49 -30.20 -18.68
N LEU B 203 0.11 -29.01 -18.64
CA LEU B 203 1.18 -28.69 -17.72
C LEU B 203 0.92 -27.32 -17.11
N PHE B 204 1.45 -27.13 -15.90
CA PHE B 204 1.39 -25.84 -15.22
C PHE B 204 2.64 -25.68 -14.36
N VAL B 205 3.00 -24.41 -14.14
CA VAL B 205 4.21 -24.06 -13.40
C VAL B 205 3.85 -23.10 -12.28
N SER B 206 4.69 -23.07 -11.25
CA SER B 206 4.46 -22.22 -10.09
C SER B 206 5.78 -21.90 -9.40
N GLY B 207 5.88 -20.69 -8.87
CA GLY B 207 6.98 -20.29 -8.02
C GLY B 207 6.52 -20.21 -6.58
N ALA B 208 7.38 -20.63 -5.65
CA ALA B 208 6.93 -20.86 -4.29
C ALA B 208 7.84 -20.27 -3.22
N CYS B 209 8.21 -19.00 -3.37
CA CYS B 209 8.92 -18.28 -2.30
C CYS B 209 10.27 -18.90 -1.98
N ASP B 210 10.69 -19.90 -2.76
CA ASP B 210 11.99 -20.54 -2.58
C ASP B 210 12.93 -20.26 -3.74
N ALA B 211 12.64 -19.23 -4.53
CA ALA B 211 13.45 -18.86 -5.69
C ALA B 211 13.52 -20.01 -6.70
N SER B 212 12.51 -20.88 -6.70
CA SER B 212 12.47 -22.04 -7.58
C SER B 212 11.12 -22.14 -8.27
N ALA B 213 11.15 -22.50 -9.54
CA ALA B 213 9.94 -22.80 -10.30
C ALA B 213 9.91 -24.27 -10.67
N LYS B 214 8.72 -24.86 -10.58
CA LYS B 214 8.55 -26.29 -10.79
C LYS B 214 7.51 -26.54 -11.88
N LEU B 215 7.80 -27.51 -12.75
CA LEU B 215 6.85 -27.94 -13.77
C LEU B 215 6.08 -29.14 -13.26
N TRP B 216 4.76 -29.09 -13.39
CA TRP B 216 3.87 -30.11 -12.86
C TRP B 216 3.03 -30.71 -13.97
N ASP B 217 2.80 -32.02 -13.88
CA ASP B 217 1.93 -32.71 -14.83
C ASP B 217 0.52 -32.78 -14.24
N VAL B 218 -0.45 -32.22 -14.97
CA VAL B 218 -1.82 -32.18 -14.46
C VAL B 218 -2.38 -33.58 -14.29
N ARG B 219 -2.15 -34.45 -15.27
CA ARG B 219 -2.68 -35.81 -15.21
C ARG B 219 -1.82 -36.74 -14.35
N GLU B 220 -0.50 -36.71 -14.55
CA GLU B 220 0.39 -37.57 -13.78
C GLU B 220 0.57 -37.10 -12.35
N GLY B 221 0.45 -35.80 -12.10
CA GLY B 221 0.57 -35.29 -10.75
C GLY B 221 1.93 -35.44 -10.13
N MET B 222 3.00 -35.15 -10.87
CA MET B 222 4.36 -35.27 -10.36
C MET B 222 5.18 -34.08 -10.84
N CYS B 223 6.25 -33.79 -10.10
CA CYS B 223 7.16 -32.69 -10.43
C CYS B 223 8.02 -33.13 -11.61
N ARG B 224 7.68 -32.67 -12.80
CA ARG B 224 8.43 -33.07 -13.99
C ARG B 224 9.78 -32.37 -14.05
N GLN B 225 9.83 -31.08 -13.72
CA GLN B 225 11.06 -30.32 -13.80
C GLN B 225 11.07 -29.25 -12.72
N THR B 226 12.27 -28.78 -12.38
CA THR B 226 12.46 -27.71 -11.42
C THR B 226 13.47 -26.71 -11.96
N PHE B 227 13.23 -25.43 -11.69
CA PHE B 227 14.11 -24.36 -12.10
C PHE B 227 14.43 -23.49 -10.90
N THR B 228 15.69 -23.06 -10.78
CA THR B 228 16.12 -22.28 -9.63
C THR B 228 16.97 -21.07 -10.01
N GLY B 229 16.68 -20.44 -11.15
CA GLY B 229 17.47 -19.28 -11.55
C GLY B 229 17.31 -18.09 -10.63
N HIS B 230 16.12 -17.89 -10.08
CA HIS B 230 15.84 -16.70 -9.29
C HIS B 230 16.61 -16.71 -7.98
N GLU B 231 16.68 -15.55 -7.34
CA GLU B 231 17.40 -15.39 -6.08
C GLU B 231 16.47 -15.20 -4.89
N SER B 232 15.21 -14.81 -5.12
CA SER B 232 14.28 -14.53 -4.04
C SER B 232 12.92 -15.11 -4.40
N ASP B 233 11.91 -14.76 -3.59
CA ASP B 233 10.57 -15.29 -3.77
C ASP B 233 10.03 -14.99 -5.15
N ILE B 234 9.45 -16.01 -5.79
CA ILE B 234 8.81 -15.82 -7.08
C ILE B 234 7.34 -15.49 -6.85
N ASN B 235 6.91 -14.33 -7.35
CA ASN B 235 5.55 -13.86 -7.15
C ASN B 235 4.66 -14.03 -8.37
N ALA B 236 5.25 -14.14 -9.57
CA ALA B 236 4.48 -14.21 -10.80
C ALA B 236 5.10 -15.24 -11.72
N ILE B 237 4.25 -15.97 -12.44
CA ILE B 237 4.70 -16.96 -13.41
C ILE B 237 3.69 -17.01 -14.55
N CYS B 238 4.19 -17.13 -15.78
CA CYS B 238 3.34 -17.18 -16.96
C CYS B 238 4.08 -17.90 -18.08
N PHE B 239 3.38 -18.83 -18.74
CA PHE B 239 3.98 -19.51 -19.88
C PHE B 239 4.19 -18.57 -21.05
N PHE B 240 5.25 -18.81 -21.81
CA PHE B 240 5.38 -18.24 -23.13
C PHE B 240 4.25 -18.79 -24.01
N PRO B 241 3.71 -17.96 -24.91
CA PRO B 241 2.46 -18.37 -25.60
C PRO B 241 2.54 -19.72 -26.30
N ASN B 242 3.73 -20.20 -26.67
CA ASN B 242 3.83 -21.52 -27.29
C ASN B 242 3.79 -22.65 -26.28
N GLY B 243 3.94 -22.36 -24.99
CA GLY B 243 3.93 -23.38 -23.96
C GLY B 243 5.24 -24.09 -23.74
N ASN B 244 6.29 -23.76 -24.50
CA ASN B 244 7.59 -24.39 -24.33
C ASN B 244 8.48 -23.63 -23.36
N ALA B 245 8.08 -22.44 -22.92
CA ALA B 245 8.87 -21.64 -22.00
C ALA B 245 7.94 -20.81 -21.14
N PHE B 246 8.48 -20.30 -20.03
CA PHE B 246 7.73 -19.45 -19.12
C PHE B 246 8.66 -18.44 -18.48
N ALA B 247 8.09 -17.31 -18.07
CA ALA B 247 8.82 -16.26 -17.37
C ALA B 247 8.30 -16.13 -15.95
N THR B 248 9.22 -15.86 -15.02
CA THR B 248 8.89 -15.73 -13.61
C THR B 248 9.35 -14.39 -13.08
N GLY B 249 8.51 -13.75 -12.28
CA GLY B 249 8.84 -12.52 -11.59
C GLY B 249 9.15 -12.81 -10.13
N SER B 250 10.18 -12.16 -9.60
CA SER B 250 10.68 -12.44 -8.26
C SER B 250 10.93 -11.13 -7.51
N ASP B 251 11.01 -11.26 -6.18
CA ASP B 251 11.31 -10.10 -5.34
C ASP B 251 12.71 -9.56 -5.59
N ASP B 252 13.56 -10.33 -6.26
CA ASP B 252 14.92 -9.88 -6.58
C ASP B 252 14.95 -8.80 -7.65
N ALA B 253 13.79 -8.33 -8.12
CA ALA B 253 13.67 -7.26 -9.11
C ALA B 253 14.05 -7.70 -10.51
N THR B 254 14.02 -9.00 -10.81
CA THR B 254 14.42 -9.52 -12.11
C THR B 254 13.38 -10.50 -12.62
N CYS B 255 13.18 -10.50 -13.93
CA CYS B 255 12.41 -11.53 -14.60
C CYS B 255 13.37 -12.49 -15.30
N ARG B 256 13.01 -13.77 -15.29
CA ARG B 256 13.84 -14.82 -15.88
C ARG B 256 12.98 -15.73 -16.74
N LEU B 257 13.48 -16.03 -17.92
CA LEU B 257 12.78 -16.90 -18.87
C LEU B 257 13.35 -18.30 -18.79
N PHE B 258 12.47 -19.30 -18.63
CA PHE B 258 12.85 -20.69 -18.52
C PHE B 258 12.16 -21.49 -19.61
N ASP B 259 12.87 -22.47 -20.16
CA ASP B 259 12.35 -23.34 -21.21
C ASP B 259 12.21 -24.75 -20.67
N LEU B 260 11.03 -25.35 -20.87
CA LEU B 260 10.77 -26.69 -20.36
C LEU B 260 11.66 -27.75 -20.99
N ARG B 261 12.25 -27.48 -22.16
CA ARG B 261 13.13 -28.42 -22.82
C ARG B 261 14.60 -28.18 -22.52
N ALA B 262 15.02 -26.91 -22.40
CA ALA B 262 16.40 -26.62 -22.02
C ALA B 262 16.61 -26.87 -20.53
N ASP B 263 15.57 -26.71 -19.71
CA ASP B 263 15.64 -26.94 -18.27
C ASP B 263 16.67 -26.03 -17.60
N GLN B 264 16.73 -24.76 -18.03
CA GLN B 264 17.61 -23.79 -17.41
C GLN B 264 17.18 -22.40 -17.83
N GLU B 265 17.69 -21.41 -17.11
CA GLU B 265 17.35 -20.02 -17.37
C GLU B 265 17.90 -19.59 -18.72
N LEU B 266 17.01 -19.19 -19.63
CA LEU B 266 17.44 -18.71 -20.94
C LEU B 266 18.04 -17.32 -20.86
N MET B 267 17.42 -16.43 -20.09
CA MET B 267 17.89 -15.05 -20.01
C MET B 267 17.20 -14.37 -18.83
N THR B 268 17.74 -13.22 -18.44
CA THR B 268 17.22 -12.43 -17.34
C THR B 268 16.88 -11.03 -17.83
N TYR B 269 15.75 -10.50 -17.36
CA TYR B 269 15.32 -9.14 -17.66
C TYR B 269 15.46 -8.32 -16.38
N SER B 270 16.38 -7.35 -16.40
CA SER B 270 16.61 -6.51 -15.23
C SER B 270 17.47 -5.32 -15.63
N HIS B 271 17.43 -4.29 -14.80
CA HIS B 271 18.28 -3.12 -14.98
C HIS B 271 18.59 -2.55 -13.60
N ASP B 272 19.71 -1.83 -13.51
CA ASP B 272 20.22 -1.38 -12.22
C ASP B 272 19.22 -0.48 -11.48
N ASN B 273 18.49 0.38 -12.20
CA ASN B 273 17.60 1.32 -11.53
C ASN B 273 16.41 0.64 -10.85
N ILE B 274 16.09 -0.60 -11.24
CA ILE B 274 14.96 -1.31 -10.67
C ILE B 274 15.47 -2.18 -9.54
N ILE B 275 15.13 -1.82 -8.30
CA ILE B 275 15.52 -2.59 -7.12
C ILE B 275 14.32 -3.18 -6.39
N CYS B 276 13.10 -2.84 -6.79
CA CYS B 276 11.91 -3.30 -6.10
C CYS B 276 11.46 -4.66 -6.62
N GLY B 277 10.55 -5.27 -5.88
CA GLY B 277 10.07 -6.60 -6.25
C GLY B 277 9.13 -6.59 -7.42
N ILE B 278 8.85 -7.80 -7.93
CA ILE B 278 8.02 -8.00 -9.10
C ILE B 278 6.77 -8.75 -8.68
N THR B 279 5.61 -8.25 -9.09
CA THR B 279 4.32 -8.80 -8.66
C THR B 279 3.61 -9.61 -9.73
N SER B 280 3.68 -9.18 -10.99
CA SER B 280 2.94 -9.85 -12.06
C SER B 280 3.81 -9.90 -13.31
N VAL B 281 3.57 -10.94 -14.12
CA VAL B 281 4.26 -11.12 -15.39
C VAL B 281 3.29 -11.76 -16.38
N SER B 282 3.39 -11.33 -17.64
CA SER B 282 2.54 -11.87 -18.69
C SER B 282 3.22 -11.66 -20.03
N PHE B 283 2.80 -12.46 -21.01
CA PHE B 283 3.32 -12.38 -22.37
C PHE B 283 2.24 -11.89 -23.32
N SER B 284 2.67 -11.19 -24.37
CA SER B 284 1.77 -10.85 -25.46
C SER B 284 1.42 -12.11 -26.24
N LYS B 285 0.52 -11.96 -27.22
CA LYS B 285 0.08 -13.12 -27.98
C LYS B 285 1.23 -13.79 -28.70
N SER B 286 2.12 -12.99 -29.30
CA SER B 286 3.29 -13.54 -29.98
C SER B 286 4.42 -13.89 -29.02
N GLY B 287 4.37 -13.40 -27.78
CA GLY B 287 5.41 -13.67 -26.81
C GLY B 287 6.63 -12.80 -26.93
N ARG B 288 6.66 -11.87 -27.88
CA ARG B 288 7.83 -11.00 -28.02
C ARG B 288 7.96 -10.04 -26.85
N LEU B 289 6.83 -9.59 -26.28
CA LEU B 289 6.82 -8.63 -25.20
C LEU B 289 6.52 -9.34 -23.89
N LEU B 290 7.36 -9.14 -22.88
CA LEU B 290 7.14 -9.65 -21.54
C LEU B 290 6.72 -8.47 -20.66
N LEU B 291 5.45 -8.42 -20.31
CA LEU B 291 4.90 -7.33 -19.51
C LEU B 291 4.88 -7.77 -18.05
N ALA B 292 5.64 -7.06 -17.21
CA ALA B 292 5.80 -7.42 -15.81
C ALA B 292 5.43 -6.22 -14.93
N GLY B 293 4.63 -6.48 -13.91
CA GLY B 293 4.30 -5.45 -12.93
C GLY B 293 5.35 -5.39 -11.83
N TYR B 294 5.65 -4.17 -11.39
CA TYR B 294 6.73 -3.93 -10.45
C TYR B 294 6.21 -3.17 -9.23
N ASP B 295 6.94 -3.33 -8.13
CA ASP B 295 6.56 -2.66 -6.88
C ASP B 295 6.84 -1.16 -6.94
N ASP B 296 7.55 -0.69 -7.96
CA ASP B 296 7.91 0.71 -8.09
C ASP B 296 6.82 1.55 -8.75
N PHE B 297 5.57 1.08 -8.71
CA PHE B 297 4.35 1.79 -9.10
C PHE B 297 4.13 1.81 -10.61
N ASN B 298 5.02 1.22 -11.41
CA ASN B 298 4.84 1.16 -12.86
C ASN B 298 5.17 -0.23 -13.38
N CYS B 299 4.80 -0.47 -14.63
CA CYS B 299 5.00 -1.75 -15.29
C CYS B 299 5.95 -1.57 -16.46
N ASN B 300 6.98 -2.42 -16.51
CA ASN B 300 7.96 -2.36 -17.58
C ASN B 300 7.64 -3.39 -18.66
N VAL B 301 7.71 -2.95 -19.90
CA VAL B 301 7.51 -3.82 -21.07
C VAL B 301 8.88 -4.26 -21.54
N TRP B 302 9.15 -5.56 -21.45
CA TRP B 302 10.46 -6.13 -21.74
C TRP B 302 10.43 -6.87 -23.05
N ASP B 303 11.41 -6.60 -23.91
CA ASP B 303 11.59 -7.40 -25.13
C ASP B 303 12.03 -8.80 -24.74
N ALA B 304 11.18 -9.79 -25.01
CA ALA B 304 11.48 -11.15 -24.61
C ALA B 304 12.75 -11.69 -25.24
N LEU B 305 13.21 -11.08 -26.33
CA LEU B 305 14.38 -11.60 -27.05
C LEU B 305 15.62 -10.72 -26.85
N LYS B 306 15.47 -9.40 -26.97
CA LYS B 306 16.61 -8.49 -26.95
C LYS B 306 17.02 -8.06 -25.54
N ALA B 307 16.22 -8.38 -24.52
CA ALA B 307 16.55 -8.11 -23.12
C ALA B 307 16.53 -6.64 -22.77
N ASP B 308 15.68 -5.83 -23.41
CA ASP B 308 15.62 -4.40 -23.15
C ASP B 308 14.17 -3.99 -22.90
N ARG B 309 14.02 -2.88 -22.17
CA ARG B 309 12.70 -2.36 -21.82
C ARG B 309 12.08 -1.71 -23.05
N ALA B 310 11.07 -2.37 -23.62
CA ALA B 310 10.40 -1.85 -24.81
C ALA B 310 9.44 -0.72 -24.48
N GLY B 311 9.02 -0.60 -23.23
CA GLY B 311 8.08 0.45 -22.85
C GLY B 311 7.83 0.43 -21.37
N VAL B 312 7.10 1.45 -20.91
CA VAL B 312 6.78 1.62 -19.50
C VAL B 312 5.33 2.05 -19.37
N LEU B 313 4.63 1.48 -18.39
CA LEU B 313 3.25 1.84 -18.06
C LEU B 313 3.27 2.44 -16.67
N ALA B 314 3.31 3.78 -16.59
CA ALA B 314 3.49 4.49 -15.33
C ALA B 314 2.24 5.22 -14.89
N GLY B 315 1.06 4.74 -15.26
CA GLY B 315 -0.18 5.40 -14.89
C GLY B 315 -0.72 5.05 -13.53
N HIS B 316 -0.20 4.02 -12.87
CA HIS B 316 -0.73 3.54 -11.60
C HIS B 316 -0.13 4.31 -10.44
N ASP B 317 -0.95 4.58 -9.43
CA ASP B 317 -0.56 5.38 -8.29
C ASP B 317 -0.07 4.55 -7.10
N ASN B 318 -0.19 3.23 -7.16
CA ASN B 318 0.21 2.36 -6.07
C ASN B 318 0.90 1.13 -6.63
N ARG B 319 1.16 0.16 -5.76
CA ARG B 319 1.79 -1.09 -6.18
C ARG B 319 0.96 -1.79 -7.25
N VAL B 320 1.62 -2.25 -8.30
CA VAL B 320 0.98 -3.12 -9.28
C VAL B 320 0.88 -4.52 -8.68
N SER B 321 -0.33 -5.08 -8.68
CA SER B 321 -0.57 -6.39 -8.10
C SER B 321 -0.77 -7.49 -9.13
N CYS B 322 -1.43 -7.18 -10.25
CA CYS B 322 -1.75 -8.20 -11.25
C CYS B 322 -1.57 -7.60 -12.64
N LEU B 323 -1.32 -8.49 -13.61
CA LEU B 323 -1.13 -8.08 -14.99
C LEU B 323 -1.55 -9.24 -15.88
N GLY B 324 -2.34 -8.94 -16.91
CA GLY B 324 -2.82 -9.96 -17.81
C GLY B 324 -3.10 -9.45 -19.20
N VAL B 325 -2.73 -10.22 -20.22
CA VAL B 325 -2.97 -9.86 -21.61
C VAL B 325 -4.12 -10.71 -22.14
N THR B 326 -4.94 -10.11 -22.99
CA THR B 326 -6.04 -10.85 -23.60
C THR B 326 -5.49 -11.97 -24.47
N ASP B 327 -6.26 -13.07 -24.55
CA ASP B 327 -5.82 -14.21 -25.35
C ASP B 327 -5.59 -13.82 -26.80
N ASP B 328 -6.37 -12.88 -27.33
CA ASP B 328 -6.16 -12.38 -28.67
C ASP B 328 -5.09 -11.31 -28.74
N GLY B 329 -4.59 -10.84 -27.60
CA GLY B 329 -3.51 -9.86 -27.59
C GLY B 329 -3.92 -8.43 -27.89
N MET B 330 -5.22 -8.14 -27.93
CA MET B 330 -5.67 -6.79 -28.27
C MET B 330 -5.18 -5.76 -27.25
N ALA B 331 -5.27 -6.07 -25.96
CA ALA B 331 -4.90 -5.11 -24.93
C ALA B 331 -4.41 -5.84 -23.69
N VAL B 332 -3.68 -5.12 -22.85
CA VAL B 332 -3.18 -5.63 -21.57
C VAL B 332 -3.74 -4.74 -20.48
N ALA B 333 -4.32 -5.36 -19.46
CA ALA B 333 -4.87 -4.65 -18.31
C ALA B 333 -3.99 -4.90 -17.10
N THR B 334 -3.60 -3.83 -16.42
CA THR B 334 -2.76 -3.89 -15.24
C THR B 334 -3.54 -3.41 -14.03
N GLY B 335 -3.63 -4.26 -12.99
CA GLY B 335 -4.23 -3.88 -11.74
C GLY B 335 -3.21 -3.29 -10.80
N SER B 336 -3.71 -2.58 -9.79
CA SER B 336 -2.83 -1.88 -8.86
C SER B 336 -3.50 -1.76 -7.50
N TRP B 337 -2.69 -1.44 -6.50
CA TRP B 337 -3.20 -1.26 -5.14
C TRP B 337 -3.98 0.04 -4.98
N ASP B 338 -3.99 0.91 -5.99
CA ASP B 338 -4.79 2.13 -5.95
C ASP B 338 -6.27 1.89 -6.19
N SER B 339 -6.70 0.63 -6.29
CA SER B 339 -8.09 0.23 -6.50
C SER B 339 -8.58 0.55 -7.90
N PHE B 340 -7.67 0.70 -8.86
CA PHE B 340 -8.03 1.00 -10.25
C PHE B 340 -7.36 0.02 -11.20
N LEU B 341 -8.12 -0.41 -12.20
CA LEU B 341 -7.60 -1.24 -13.27
C LEU B 341 -7.51 -0.41 -14.54
N LYS B 342 -6.33 -0.38 -15.15
CA LYS B 342 -6.10 0.36 -16.38
C LYS B 342 -5.87 -0.60 -17.53
N ILE B 343 -6.59 -0.39 -18.63
CA ILE B 343 -6.46 -1.19 -19.83
C ILE B 343 -5.63 -0.41 -20.83
N TRP B 344 -4.56 -1.02 -21.33
CA TRP B 344 -3.60 -0.35 -22.19
C TRP B 344 -3.59 -1.03 -23.56
N ASN B 345 -3.41 -0.21 -24.60
CA ASN B 345 -3.39 -0.70 -25.97
C ASN B 345 -2.75 0.34 -26.89
N THR C 6 11.26 -39.39 11.42
CA THR C 6 10.67 -39.98 10.17
C THR C 6 10.55 -38.92 9.08
N ALA C 7 9.85 -37.83 9.40
CA ALA C 7 9.68 -36.76 8.42
C ALA C 7 11.02 -36.13 8.05
N SER C 8 11.89 -35.92 9.04
CA SER C 8 13.18 -35.29 8.76
C SER C 8 13.98 -36.06 7.73
N ILE C 9 13.83 -37.38 7.70
CA ILE C 9 14.53 -38.21 6.72
C ILE C 9 13.64 -38.58 5.53
N ALA C 10 12.33 -38.71 5.73
CA ALA C 10 11.44 -38.97 4.61
C ALA C 10 11.45 -37.84 3.61
N GLN C 11 11.61 -36.61 4.09
CA GLN C 11 11.70 -35.47 3.18
C GLN C 11 12.91 -35.60 2.25
N ALA C 12 14.05 -36.01 2.79
CA ALA C 12 15.24 -36.18 1.97
C ALA C 12 15.11 -37.39 1.05
N ARG C 13 14.52 -38.49 1.53
CA ARG C 13 14.13 -39.59 0.66
C ARG C 13 13.36 -39.08 -0.56
N LYS C 14 12.29 -38.31 -0.33
CA LYS C 14 11.44 -37.88 -1.42
C LYS C 14 12.16 -36.90 -2.33
N LEU C 15 12.97 -36.01 -1.76
CA LEU C 15 13.74 -35.07 -2.57
C LEU C 15 14.69 -35.82 -3.49
N VAL C 16 15.37 -36.84 -2.95
CA VAL C 16 16.31 -37.61 -3.77
C VAL C 16 15.56 -38.37 -4.87
N GLU C 17 14.41 -38.96 -4.53
CA GLU C 17 13.64 -39.68 -5.55
C GLU C 17 13.21 -38.75 -6.67
N GLN C 18 12.64 -37.59 -6.31
CA GLN C 18 12.20 -36.64 -7.32
C GLN C 18 13.38 -36.15 -8.16
N LEU C 19 14.53 -35.93 -7.53
CA LEU C 19 15.66 -35.35 -8.23
C LEU C 19 16.32 -36.38 -9.15
N LYS C 20 16.24 -37.67 -8.79
CA LYS C 20 16.40 -38.73 -9.79
C LYS C 20 15.43 -38.53 -10.95
N MET C 21 14.14 -38.36 -10.64
CA MET C 21 13.16 -38.23 -11.72
C MET C 21 13.43 -36.99 -12.56
N GLU C 22 13.98 -35.94 -11.95
CA GLU C 22 14.25 -34.70 -12.68
C GLU C 22 15.47 -34.81 -13.59
N ALA C 23 16.51 -35.53 -13.16
CA ALA C 23 17.75 -35.55 -13.93
C ALA C 23 17.60 -36.32 -15.23
N ASN C 24 16.79 -37.38 -15.23
CA ASN C 24 16.71 -38.28 -16.37
C ASN C 24 15.79 -37.78 -17.47
N ILE C 25 15.44 -36.50 -17.49
CA ILE C 25 14.60 -35.97 -18.55
C ILE C 25 15.43 -35.79 -19.83
N ASP C 26 14.73 -35.68 -20.96
CA ASP C 26 15.36 -35.48 -22.26
C ASP C 26 15.69 -33.99 -22.43
N ARG C 27 16.79 -33.58 -21.81
CA ARG C 27 17.21 -32.19 -21.88
C ARG C 27 17.61 -31.82 -23.30
N ILE C 28 17.43 -30.55 -23.64
CA ILE C 28 17.63 -30.06 -25.00
C ILE C 28 18.60 -28.90 -24.97
N LYS C 29 19.29 -28.68 -26.09
CA LYS C 29 20.25 -27.59 -26.19
C LYS C 29 19.55 -26.25 -26.12
N VAL C 30 20.23 -25.27 -25.51
CA VAL C 30 19.65 -23.93 -25.36
C VAL C 30 19.51 -23.27 -26.73
N SER C 31 20.45 -23.53 -27.64
CA SER C 31 20.42 -22.86 -28.93
C SER C 31 19.15 -23.20 -29.71
N LYS C 32 18.75 -24.47 -29.71
CA LYS C 32 17.55 -24.86 -30.46
C LYS C 32 16.30 -24.29 -29.81
N ALA C 33 16.26 -24.24 -28.48
CA ALA C 33 15.12 -23.62 -27.80
C ALA C 33 15.02 -22.14 -28.15
N ALA C 34 16.16 -21.44 -28.19
CA ALA C 34 16.16 -20.04 -28.57
C ALA C 34 15.69 -19.87 -30.01
N ALA C 35 16.14 -20.76 -30.91
CA ALA C 35 15.70 -20.69 -32.29
C ALA C 35 14.19 -20.91 -32.41
N ASP C 36 13.65 -21.86 -31.65
CA ASP C 36 12.22 -22.11 -31.66
C ASP C 36 11.45 -20.89 -31.15
N LEU C 37 11.96 -20.26 -30.08
CA LEU C 37 11.30 -19.06 -29.56
C LEU C 37 11.32 -17.94 -30.59
N MET C 38 12.45 -17.76 -31.28
CA MET C 38 12.53 -16.75 -32.32
C MET C 38 11.55 -17.04 -33.45
N ALA C 39 11.46 -18.31 -33.86
CA ALA C 39 10.53 -18.68 -34.91
C ALA C 39 9.09 -18.40 -34.51
N TYR C 40 8.73 -18.74 -33.27
CA TYR C 40 7.37 -18.46 -32.81
C TYR C 40 7.09 -16.96 -32.76
N CYS C 41 8.07 -16.18 -32.27
CA CYS C 41 7.87 -14.74 -32.17
C CYS C 41 7.68 -14.12 -33.55
N GLU C 42 8.50 -14.52 -34.52
CA GLU C 42 8.39 -13.95 -35.86
C GLU C 42 7.13 -14.42 -36.58
N ALA C 43 6.73 -15.67 -36.36
CA ALA C 43 5.55 -16.19 -37.04
C ALA C 43 4.29 -15.43 -36.62
N HIS C 44 4.16 -15.12 -35.33
CA HIS C 44 2.96 -14.47 -34.80
C HIS C 44 3.16 -12.98 -34.59
N ALA C 45 4.23 -12.39 -35.14
CA ALA C 45 4.49 -10.98 -34.91
C ALA C 45 3.35 -10.11 -35.42
N LYS C 46 2.86 -10.40 -36.64
CA LYS C 46 1.76 -9.62 -37.20
C LYS C 46 0.44 -9.90 -36.49
N GLU C 47 0.33 -11.02 -35.78
CA GLU C 47 -0.88 -11.37 -35.06
C GLU C 47 -0.90 -10.83 -33.64
N ASP C 48 0.03 -9.94 -33.29
CA ASP C 48 0.14 -9.40 -31.93
C ASP C 48 -0.22 -7.93 -31.96
N PRO C 49 -1.44 -7.55 -31.55
CA PRO C 49 -1.80 -6.12 -31.54
C PRO C 49 -0.91 -5.28 -30.64
N LEU C 50 -0.33 -5.85 -29.59
CA LEU C 50 0.56 -5.08 -28.73
C LEU C 50 1.90 -4.81 -29.38
N LEU C 51 2.47 -5.83 -30.05
CA LEU C 51 3.77 -5.66 -30.69
C LEU C 51 3.67 -4.71 -31.89
N THR C 52 2.67 -4.92 -32.75
CA THR C 52 2.50 -4.12 -33.95
C THR C 52 1.37 -3.12 -33.77
N PRO C 53 1.41 -1.97 -34.46
CA PRO C 53 0.34 -0.98 -34.30
C PRO C 53 -0.94 -1.39 -34.99
N VAL C 54 -1.94 -1.79 -34.21
CA VAL C 54 -3.23 -2.18 -34.78
C VAL C 54 -3.95 -0.94 -35.29
N PRO C 55 -4.64 -0.99 -36.42
CA PRO C 55 -5.39 0.19 -36.88
C PRO C 55 -6.45 0.60 -35.87
N ALA C 56 -6.72 1.91 -35.82
CA ALA C 56 -7.71 2.42 -34.87
C ALA C 56 -9.10 1.83 -35.10
N SER C 57 -9.51 1.67 -36.35
CA SER C 57 -10.84 1.12 -36.63
C SER C 57 -10.98 -0.30 -36.10
N GLU C 58 -9.97 -1.14 -36.28
CA GLU C 58 -10.03 -2.51 -35.78
C GLU C 58 -9.92 -2.58 -34.27
N ASN C 59 -9.33 -1.56 -33.65
CA ASN C 59 -9.16 -1.54 -32.20
C ASN C 59 -10.50 -1.35 -31.51
N PRO C 60 -10.96 -2.27 -30.67
CA PRO C 60 -12.24 -2.06 -29.98
C PRO C 60 -12.18 -1.01 -28.88
N PHE C 61 -10.98 -0.54 -28.52
CA PHE C 61 -10.81 0.34 -27.36
C PHE C 61 -10.79 1.82 -27.73
N ARG C 62 -11.26 2.19 -28.91
CA ARG C 62 -11.29 3.60 -29.31
C ARG C 62 -12.41 4.34 -28.57
N GLN D 2 21.02 -21.30 -8.21
CA GLN D 2 20.28 -21.86 -7.04
C GLN D 2 20.80 -21.27 -5.74
N VAL D 3 19.86 -20.82 -4.90
CA VAL D 3 20.25 -20.26 -3.60
C VAL D 3 20.91 -21.36 -2.77
N GLN D 4 22.14 -21.10 -2.34
CA GLN D 4 22.91 -22.06 -1.56
C GLN D 4 23.55 -21.38 -0.37
N LEU D 5 23.44 -22.01 0.80
CA LEU D 5 24.09 -21.54 2.01
C LEU D 5 24.69 -22.73 2.72
N GLN D 6 26.02 -22.75 2.84
CA GLN D 6 26.76 -23.88 3.38
C GLN D 6 27.54 -23.40 4.60
N GLU D 7 27.07 -23.76 5.79
CA GLU D 7 27.77 -23.41 7.02
C GLU D 7 28.93 -24.37 7.24
N SER D 8 30.06 -23.83 7.72
CA SER D 8 31.23 -24.63 8.03
C SER D 8 31.75 -24.24 9.40
N GLY D 9 32.45 -25.17 10.03
CA GLY D 9 32.95 -24.96 11.38
C GLY D 9 31.94 -25.37 12.43
N GLY D 10 32.40 -25.99 13.50
CA GLY D 10 31.53 -26.47 14.55
C GLY D 10 32.20 -27.59 15.32
N GLY D 11 31.37 -28.51 15.81
CA GLY D 11 31.89 -29.65 16.55
C GLY D 11 32.03 -29.36 18.03
N LEU D 12 32.61 -30.33 18.73
CA LEU D 12 32.78 -30.23 20.18
C LEU D 12 33.77 -29.13 20.53
N VAL D 13 33.44 -28.36 21.57
CA VAL D 13 34.32 -27.32 22.07
C VAL D 13 34.02 -27.12 23.55
N GLN D 14 35.07 -26.92 24.34
CA GLN D 14 34.89 -26.76 25.78
C GLN D 14 34.26 -25.41 26.10
N PRO D 15 33.53 -25.32 27.21
CA PRO D 15 32.93 -24.02 27.58
C PRO D 15 34.01 -22.98 27.82
N GLY D 16 33.68 -21.73 27.47
CA GLY D 16 34.59 -20.62 27.62
C GLY D 16 35.56 -20.43 26.46
N GLY D 17 35.52 -21.29 25.45
CA GLY D 17 36.41 -21.17 24.32
C GLY D 17 35.84 -20.27 23.24
N SER D 18 36.42 -20.39 22.04
CA SER D 18 36.00 -19.62 20.88
C SER D 18 35.74 -20.55 19.71
N LEU D 19 34.88 -20.11 18.79
CA LEU D 19 34.52 -20.92 17.64
C LEU D 19 34.13 -19.98 16.51
N ARG D 20 34.87 -20.02 15.40
CA ARG D 20 34.64 -19.13 14.28
C ARG D 20 33.81 -19.85 13.23
N LEU D 21 32.52 -19.53 13.16
CA LEU D 21 31.66 -20.11 12.14
C LEU D 21 31.79 -19.35 10.82
N SER D 22 31.48 -20.05 9.73
CA SER D 22 31.56 -19.48 8.40
C SER D 22 30.34 -19.91 7.59
N CYS D 23 30.01 -19.11 6.57
CA CYS D 23 28.86 -19.37 5.73
C CYS D 23 29.21 -18.95 4.31
N ALA D 24 29.46 -19.93 3.44
CA ALA D 24 29.78 -19.64 2.05
C ALA D 24 28.48 -19.48 1.26
N ALA D 25 28.23 -18.27 0.78
CA ALA D 25 27.00 -17.98 0.04
C ALA D 25 27.25 -18.08 -1.46
N SER D 26 26.20 -18.47 -2.19
CA SER D 26 26.27 -18.62 -3.63
C SER D 26 24.87 -18.55 -4.22
N GLY D 27 24.81 -18.28 -5.52
CA GLY D 27 23.56 -18.25 -6.24
C GLY D 27 22.77 -16.98 -6.13
N PHE D 28 23.31 -15.96 -5.47
CA PHE D 28 22.61 -14.69 -5.32
C PHE D 28 23.62 -13.60 -4.98
N THR D 29 23.17 -12.34 -5.13
CA THR D 29 23.99 -11.20 -4.76
C THR D 29 24.07 -11.07 -3.25
N PHE D 30 25.19 -11.51 -2.66
CA PHE D 30 25.31 -11.56 -1.21
C PHE D 30 25.17 -10.17 -0.60
N SER D 31 25.79 -9.16 -1.22
CA SER D 31 25.77 -7.81 -0.66
C SER D 31 24.37 -7.21 -0.63
N ASN D 32 23.46 -7.67 -1.49
CA ASN D 32 22.15 -7.04 -1.61
C ASN D 32 21.16 -7.52 -0.57
N TYR D 33 21.48 -8.54 0.22
CA TYR D 33 20.55 -9.12 1.18
C TYR D 33 21.09 -8.98 2.60
N LYS D 34 20.20 -8.65 3.52
CA LYS D 34 20.56 -8.66 4.93
C LYS D 34 20.73 -10.10 5.41
N MET D 35 21.80 -10.36 6.15
CA MET D 35 22.15 -11.70 6.59
C MET D 35 22.09 -11.77 8.11
N ASN D 36 21.77 -12.97 8.61
CA ASN D 36 21.64 -13.17 10.05
C ASN D 36 21.85 -14.65 10.36
N TRP D 37 22.11 -14.91 11.64
CA TRP D 37 22.34 -16.26 12.15
C TRP D 37 21.18 -16.66 13.06
N VAL D 38 20.70 -17.89 12.88
CA VAL D 38 19.68 -18.46 13.76
C VAL D 38 20.15 -19.85 14.19
N ARG D 39 19.67 -20.28 15.35
CA ARG D 39 20.08 -21.55 15.94
C ARG D 39 18.86 -22.28 16.49
N GLN D 40 18.95 -23.60 16.53
CA GLN D 40 17.89 -24.45 17.07
C GLN D 40 18.53 -25.48 18.00
N ALA D 41 18.49 -25.20 19.30
CA ALA D 41 19.05 -26.12 20.27
C ALA D 41 18.17 -27.37 20.36
N PRO D 42 18.75 -28.51 20.78
CA PRO D 42 17.94 -29.73 20.87
C PRO D 42 16.69 -29.56 21.71
N GLY D 43 15.53 -29.67 21.08
CA GLY D 43 14.26 -29.60 21.76
C GLY D 43 13.62 -28.23 21.83
N LYS D 44 14.36 -27.16 21.53
CA LYS D 44 13.77 -25.83 21.49
C LYS D 44 13.58 -25.36 20.06
N GLY D 45 12.80 -24.29 19.92
CA GLY D 45 12.51 -23.75 18.61
C GLY D 45 13.65 -22.88 18.08
N LEU D 46 13.51 -22.49 16.81
CA LEU D 46 14.52 -21.67 16.17
C LEU D 46 14.63 -20.32 16.86
N GLU D 47 15.85 -19.90 17.15
CA GLU D 47 16.12 -18.65 17.85
C GLU D 47 17.03 -17.77 17.02
N TRP D 48 16.65 -16.50 16.85
CA TRP D 48 17.48 -15.55 16.14
C TRP D 48 18.70 -15.19 17.00
N VAL D 49 19.87 -15.19 16.39
CA VAL D 49 21.12 -14.90 17.08
C VAL D 49 21.60 -13.49 16.81
N SER D 50 21.86 -13.15 15.55
CA SER D 50 22.36 -11.84 15.20
C SER D 50 22.15 -11.61 13.71
N ASP D 51 22.03 -10.33 13.34
CA ASP D 51 21.84 -9.95 11.95
C ASP D 51 22.85 -8.87 11.58
N ILE D 52 23.22 -8.86 10.30
CA ILE D 52 24.16 -7.87 9.77
C ILE D 52 23.54 -7.27 8.51
N SER D 53 23.58 -5.95 8.41
CA SER D 53 22.97 -5.25 7.29
C SER D 53 23.73 -5.56 6.00
N GLN D 54 23.22 -5.00 4.90
CA GLN D 54 23.83 -5.24 3.59
C GLN D 54 25.27 -4.76 3.57
N SER D 55 25.51 -3.53 4.01
CA SER D 55 26.85 -2.97 4.03
C SER D 55 27.64 -3.33 5.28
N GLY D 56 26.98 -3.91 6.28
CA GLY D 56 27.63 -4.28 7.52
C GLY D 56 27.78 -3.15 8.52
N ALA D 57 27.26 -1.95 8.22
CA ALA D 57 27.37 -0.84 9.15
C ALA D 57 26.42 -0.96 10.33
N SER D 58 25.39 -1.80 10.23
CA SER D 58 24.44 -2.02 11.31
C SER D 58 24.45 -3.48 11.71
N ILE D 59 24.62 -3.72 13.01
CA ILE D 59 24.70 -5.07 13.55
C ILE D 59 23.90 -5.12 14.85
N SER D 60 23.26 -6.26 15.10
CA SER D 60 22.52 -6.47 16.33
C SER D 60 22.70 -7.92 16.78
N TYR D 61 22.62 -8.11 18.09
CA TYR D 61 22.75 -9.42 18.69
C TYR D 61 21.63 -9.61 19.71
N THR D 62 21.22 -10.86 19.91
CA THR D 62 20.26 -11.16 20.95
C THR D 62 20.89 -10.93 22.32
N GLY D 63 20.04 -10.64 23.30
CA GLY D 63 20.55 -10.23 24.61
C GLY D 63 21.49 -11.24 25.22
N SER D 64 21.15 -12.53 25.12
CA SER D 64 22.05 -13.57 25.61
C SER D 64 23.35 -13.64 24.81
N VAL D 65 23.43 -12.96 23.67
CA VAL D 65 24.61 -13.00 22.82
C VAL D 65 25.31 -11.66 22.73
N LYS D 66 24.69 -10.55 23.11
CA LYS D 66 25.33 -9.25 23.00
C LYS D 66 26.65 -9.23 23.75
N GLY D 67 27.69 -8.71 23.09
CA GLY D 67 29.00 -8.63 23.71
C GLY D 67 29.73 -9.94 23.86
N ARG D 68 29.23 -11.01 23.24
CA ARG D 68 29.85 -12.32 23.37
C ARG D 68 30.22 -12.90 22.00
N PHE D 69 29.36 -12.71 21.02
CA PHE D 69 29.60 -13.14 19.66
C PHE D 69 29.74 -11.93 18.75
N THR D 70 30.52 -12.08 17.69
CA THR D 70 30.76 -11.02 16.72
C THR D 70 30.37 -11.52 15.34
N ILE D 71 29.37 -10.88 14.74
CA ILE D 71 28.93 -11.22 13.38
C ILE D 71 29.62 -10.32 12.38
N SER D 72 30.17 -10.91 11.33
CA SER D 72 30.86 -10.16 10.30
C SER D 72 30.59 -10.78 8.95
N ARG D 73 30.69 -9.96 7.90
CA ARG D 73 30.47 -10.40 6.54
C ARG D 73 31.54 -9.79 5.64
N ASP D 74 31.84 -10.49 4.55
CA ASP D 74 32.80 -10.03 3.55
C ASP D 74 32.16 -10.23 2.17
N ASN D 75 31.60 -9.15 1.63
CA ASN D 75 30.92 -9.24 0.34
C ASN D 75 31.87 -9.59 -0.79
N ALA D 76 33.18 -9.40 -0.60
CA ALA D 76 34.14 -9.68 -1.66
C ALA D 76 34.20 -11.16 -2.00
N LYS D 77 33.90 -12.04 -1.05
CA LYS D 77 33.93 -13.49 -1.29
C LYS D 77 32.62 -14.17 -0.92
N ASN D 78 31.53 -13.41 -0.77
CA ASN D 78 30.20 -13.98 -0.54
C ASN D 78 30.19 -14.91 0.67
N THR D 79 30.77 -14.45 1.77
CA THR D 79 30.89 -15.25 2.98
C THR D 79 30.39 -14.46 4.19
N LEU D 80 29.76 -15.17 5.12
CA LEU D 80 29.31 -14.60 6.38
C LEU D 80 29.95 -15.37 7.53
N TYR D 81 30.25 -14.66 8.62
CA TYR D 81 30.97 -15.24 9.75
C TYR D 81 30.25 -14.91 11.04
N LEU D 82 30.47 -15.76 12.04
CA LEU D 82 29.97 -15.56 13.41
C LEU D 82 31.08 -15.98 14.35
N GLN D 83 31.85 -15.01 14.84
CA GLN D 83 32.98 -15.27 15.73
C GLN D 83 32.44 -15.44 17.14
N MET D 84 32.37 -16.69 17.58
CA MET D 84 31.85 -17.01 18.90
C MET D 84 32.99 -17.00 19.92
N ASN D 85 32.77 -16.37 21.06
CA ASN D 85 33.75 -16.28 22.13
C ASN D 85 33.09 -16.59 23.46
N SER D 86 33.85 -17.21 24.37
CA SER D 86 33.38 -17.58 25.70
C SER D 86 32.03 -18.28 25.60
N LEU D 87 32.04 -19.42 24.92
CA LEU D 87 30.81 -20.19 24.70
C LEU D 87 30.29 -20.74 26.03
N LYS D 88 28.97 -20.89 26.09
CA LYS D 88 28.30 -21.43 27.26
C LYS D 88 27.62 -22.75 26.93
N PRO D 89 27.33 -23.59 27.93
CA PRO D 89 26.62 -24.84 27.63
C PRO D 89 25.29 -24.62 26.95
N GLU D 90 24.58 -23.55 27.29
CA GLU D 90 23.30 -23.25 26.65
C GLU D 90 23.45 -22.95 25.16
N ASP D 91 24.66 -22.56 24.72
CA ASP D 91 24.90 -22.24 23.32
C ASP D 91 24.87 -23.46 22.42
N THR D 92 24.85 -24.67 22.97
CA THR D 92 24.81 -25.88 22.15
C THR D 92 23.56 -25.88 21.29
N ALA D 93 23.75 -25.85 19.97
CA ALA D 93 22.63 -25.81 19.04
C ALA D 93 23.17 -25.88 17.62
N VAL D 94 22.29 -26.24 16.69
CA VAL D 94 22.62 -26.22 15.28
C VAL D 94 22.37 -24.80 14.76
N TYR D 95 23.43 -24.12 14.35
CA TYR D 95 23.36 -22.74 13.89
C TYR D 95 23.12 -22.74 12.39
N TYR D 96 21.98 -22.20 11.97
CA TYR D 96 21.60 -22.12 10.56
C TYR D 96 21.91 -20.74 10.04
N CYS D 97 22.72 -20.68 8.98
CA CYS D 97 22.99 -19.42 8.30
C CYS D 97 21.79 -19.04 7.44
N ALA D 98 21.03 -18.04 7.89
CA ALA D 98 19.77 -17.68 7.28
C ALA D 98 19.88 -16.32 6.60
N ARG D 99 19.24 -16.20 5.45
CA ARG D 99 19.20 -14.96 4.68
C ARG D 99 17.78 -14.41 4.67
N CYS D 100 17.67 -13.08 4.72
CA CYS D 100 16.37 -12.46 4.72
C CYS D 100 15.73 -12.57 3.34
N PRO D 101 14.40 -12.48 3.24
CA PRO D 101 13.73 -12.83 1.97
C PRO D 101 14.12 -11.94 0.80
N ALA D 102 13.95 -10.62 0.93
CA ALA D 102 14.09 -9.73 -0.22
C ALA D 102 15.33 -8.87 -0.08
N PRO D 103 15.92 -8.44 -1.21
CA PRO D 103 17.11 -7.59 -1.14
C PRO D 103 16.75 -6.13 -0.94
N PHE D 104 17.74 -5.37 -0.45
CA PHE D 104 17.60 -3.93 -0.30
C PHE D 104 16.64 -3.55 0.82
N THR D 105 16.06 -4.54 1.50
CA THR D 105 15.11 -4.26 2.56
C THR D 105 15.65 -4.74 3.89
N ARG D 106 15.55 -3.88 4.91
CA ARG D 106 15.90 -4.27 6.27
C ARG D 106 14.85 -5.18 6.89
N ASP D 107 13.70 -5.35 6.24
CA ASP D 107 12.71 -6.32 6.68
C ASP D 107 13.27 -7.73 6.60
N CYS D 108 12.83 -8.58 7.51
CA CYS D 108 13.35 -9.94 7.56
C CYS D 108 12.32 -10.83 8.24
N PHE D 109 12.06 -11.99 7.63
CA PHE D 109 11.07 -12.93 8.12
C PHE D 109 11.60 -14.36 8.07
N ASP D 110 12.85 -14.56 8.53
CA ASP D 110 13.49 -15.85 8.39
C ASP D 110 13.62 -16.63 9.70
N VAL D 111 12.84 -16.30 10.72
CA VAL D 111 12.86 -17.05 11.97
C VAL D 111 11.72 -18.06 11.95
N THR D 112 11.15 -18.27 10.77
CA THR D 112 10.00 -19.16 10.64
C THR D 112 10.35 -20.58 11.07
N SER D 113 9.47 -21.18 11.88
CA SER D 113 9.68 -22.56 12.30
C SER D 113 9.62 -23.51 11.10
N THR D 114 8.67 -23.29 10.20
CA THR D 114 8.56 -24.14 9.01
C THR D 114 9.82 -24.03 8.17
N THR D 115 9.98 -24.97 7.24
CA THR D 115 11.17 -25.01 6.40
C THR D 115 11.37 -23.68 5.67
N TYR D 116 12.46 -22.98 5.99
CA TYR D 116 12.78 -21.72 5.32
C TYR D 116 13.69 -22.01 4.13
N ALA D 117 13.36 -21.42 2.98
CA ALA D 117 14.07 -21.74 1.75
C ALA D 117 15.48 -21.14 1.72
N TYR D 118 15.69 -19.98 2.34
CA TYR D 118 16.95 -19.25 2.24
C TYR D 118 17.80 -19.38 3.50
N ARG D 119 17.80 -20.55 4.12
CA ARG D 119 18.74 -20.87 5.19
C ARG D 119 19.50 -22.15 4.85
N GLY D 120 20.74 -22.22 5.31
CA GLY D 120 21.60 -23.34 4.98
C GLY D 120 21.25 -24.58 5.78
N GLN D 121 22.05 -25.63 5.53
CA GLN D 121 21.84 -26.89 6.21
C GLN D 121 22.05 -26.76 7.72
N GLY D 122 22.98 -25.91 8.14
CA GLY D 122 23.25 -25.71 9.54
C GLY D 122 24.43 -26.53 10.04
N THR D 123 25.26 -25.93 10.88
CA THR D 123 26.43 -26.58 11.43
C THR D 123 26.23 -26.81 12.92
N GLN D 124 26.46 -28.05 13.36
CA GLN D 124 26.25 -28.40 14.75
C GLN D 124 27.33 -27.77 15.62
N VAL D 125 26.91 -27.14 16.72
CA VAL D 125 27.80 -26.57 17.72
C VAL D 125 27.42 -27.18 19.06
N THR D 126 28.37 -27.88 19.69
CA THR D 126 28.14 -28.57 20.96
C THR D 126 29.15 -28.07 21.97
N VAL D 127 28.67 -27.72 23.16
CA VAL D 127 29.51 -27.26 24.26
C VAL D 127 29.33 -28.24 25.41
N SER D 128 30.43 -28.85 25.86
CA SER D 128 30.40 -29.81 26.94
C SER D 128 31.67 -29.69 27.76
N SER D 129 31.59 -30.07 29.02
CA SER D 129 32.73 -30.02 29.92
C SER D 129 33.82 -31.00 29.48
N MET E 151 -6.39 58.79 -14.42
CA MET E 151 -5.10 59.47 -14.10
C MET E 151 -4.04 58.45 -13.71
N GLU E 152 -2.89 58.93 -13.23
CA GLU E 152 -1.80 58.03 -12.88
C GLU E 152 -2.19 57.07 -11.76
N SER E 153 -2.86 57.56 -10.72
CA SER E 153 -3.25 56.70 -9.62
C SER E 153 -4.22 55.63 -10.09
N SER E 154 -5.24 56.03 -10.86
CA SER E 154 -6.20 55.06 -11.35
C SER E 154 -5.56 54.03 -12.26
N PHE E 155 -4.66 54.47 -13.14
CA PHE E 155 -3.99 53.54 -14.04
C PHE E 155 -3.12 52.56 -13.28
N SER E 156 -2.39 53.06 -12.27
CA SER E 156 -1.55 52.18 -11.46
C SER E 156 -2.39 51.15 -10.72
N PHE E 157 -3.50 51.59 -10.12
CA PHE E 157 -4.37 50.64 -9.43
C PHE E 157 -4.94 49.62 -10.41
N GLY E 158 -5.32 50.07 -11.60
CA GLY E 158 -5.88 49.14 -12.58
C GLY E 158 -4.87 48.10 -13.03
N VAL E 159 -3.62 48.52 -13.27
CA VAL E 159 -2.61 47.56 -13.70
C VAL E 159 -2.26 46.59 -12.58
N ILE E 160 -2.19 47.09 -11.33
CA ILE E 160 -1.96 46.19 -10.21
C ILE E 160 -3.08 45.17 -10.11
N LEU E 161 -4.33 45.62 -10.26
CA LEU E 161 -5.46 44.71 -10.23
C LEU E 161 -5.38 43.70 -11.37
N ALA E 162 -4.95 44.14 -12.56
CA ALA E 162 -4.85 43.23 -13.69
C ALA E 162 -3.83 42.13 -13.41
N VAL E 163 -2.65 42.50 -12.90
CA VAL E 163 -1.64 41.49 -12.59
C VAL E 163 -2.14 40.55 -11.51
N LEU E 164 -2.76 41.11 -10.46
CA LEU E 164 -3.26 40.26 -9.38
C LEU E 164 -4.32 39.29 -9.88
N ALA E 165 -5.24 39.77 -10.71
CA ALA E 165 -6.28 38.91 -11.25
C ALA E 165 -5.70 37.83 -12.15
N SER E 166 -4.73 38.18 -12.98
CA SER E 166 -4.10 37.18 -13.84
C SER E 166 -3.44 36.10 -13.02
N LEU E 167 -2.66 36.48 -12.00
CA LEU E 167 -2.02 35.49 -11.15
C LEU E 167 -3.04 34.63 -10.43
N ILE E 168 -4.10 35.25 -9.89
CA ILE E 168 -5.12 34.50 -9.18
C ILE E 168 -5.78 33.49 -10.11
N ILE E 169 -6.16 33.94 -11.31
CA ILE E 169 -6.86 33.06 -12.24
C ILE E 169 -5.96 31.89 -12.63
N ALA E 170 -4.70 32.18 -12.98
CA ALA E 170 -3.81 31.11 -13.40
C ALA E 170 -3.60 30.10 -12.28
N THR E 171 -3.23 30.58 -11.09
CA THR E 171 -2.92 29.68 -9.99
C THR E 171 -4.13 28.84 -9.61
N ASN E 172 -5.31 29.48 -9.53
CA ASN E 172 -6.49 28.75 -9.08
C ASN E 172 -7.04 27.83 -10.16
N THR E 173 -6.89 28.17 -11.44
CA THR E 173 -7.25 27.23 -12.50
C THR E 173 -6.36 26.00 -12.44
N LEU E 174 -5.06 26.20 -12.25
CA LEU E 174 -4.15 25.06 -12.11
C LEU E 174 -4.53 24.21 -10.91
N VAL E 175 -4.83 24.86 -9.78
CA VAL E 175 -5.19 24.13 -8.57
C VAL E 175 -6.49 23.36 -8.78
N ALA E 176 -7.47 23.97 -9.44
CA ALA E 176 -8.74 23.31 -9.68
C ALA E 176 -8.57 22.11 -10.60
N VAL E 177 -7.74 22.24 -11.63
CA VAL E 177 -7.48 21.11 -12.51
C VAL E 177 -6.80 19.98 -11.73
N ALA E 178 -5.83 20.33 -10.88
CA ALA E 178 -5.15 19.32 -10.07
C ALA E 178 -6.14 18.61 -9.15
N VAL E 179 -7.05 19.38 -8.54
CA VAL E 179 -8.00 18.79 -7.59
C VAL E 179 -9.00 17.91 -8.33
N LEU E 180 -9.43 18.32 -9.53
CA LEU E 180 -10.29 17.45 -10.33
C LEU E 180 -9.60 16.13 -10.66
N LEU E 181 -8.35 16.22 -11.10
CA LEU E 181 -7.62 14.99 -11.44
C LEU E 181 -7.44 14.10 -10.22
N LEU E 182 -7.15 14.70 -9.06
CA LEU E 182 -6.98 13.91 -7.84
C LEU E 182 -8.30 13.30 -7.39
N ILE E 183 -9.42 14.04 -7.52
CA ILE E 183 -10.72 13.48 -7.18
C ILE E 183 -11.04 12.29 -8.07
N HIS E 184 -10.77 12.41 -9.37
CA HIS E 184 -10.89 11.23 -10.24
C HIS E 184 -9.91 10.14 -9.80
N LYS E 185 -8.80 10.53 -9.17
CA LYS E 185 -7.80 9.58 -8.73
C LYS E 185 -8.01 9.11 -7.29
N ASN E 186 -8.61 9.94 -6.45
CA ASN E 186 -8.73 9.65 -5.03
C ASN E 186 -10.17 9.91 -4.57
N ASP E 187 -10.55 9.26 -3.48
CA ASP E 187 -11.90 9.36 -2.93
C ASP E 187 -12.04 10.43 -1.86
N GLY E 188 -10.97 11.20 -1.58
CA GLY E 188 -11.01 12.20 -0.53
C GLY E 188 -12.13 13.21 -0.71
N VAL E 189 -13.02 13.31 0.28
CA VAL E 189 -14.12 14.27 0.21
C VAL E 189 -13.61 15.70 0.36
N SER E 190 -12.64 15.92 1.24
CA SER E 190 -12.12 17.27 1.44
C SER E 190 -11.57 17.85 0.15
N LEU E 191 -11.14 16.99 -0.78
CA LEU E 191 -10.71 17.48 -2.08
C LEU E 191 -11.85 18.20 -2.81
N CYS E 192 -13.10 17.82 -2.55
CA CYS E 192 -14.22 18.56 -3.10
C CYS E 192 -14.24 19.99 -2.57
N PHE E 193 -13.99 20.17 -1.27
CA PHE E 193 -13.94 21.51 -0.71
C PHE E 193 -12.75 22.30 -1.26
N THR E 194 -11.62 21.62 -1.47
CA THR E 194 -10.48 22.29 -2.10
C THR E 194 -10.83 22.75 -3.51
N LEU E 195 -11.52 21.90 -4.27
CA LEU E 195 -11.99 22.28 -5.60
C LEU E 195 -12.91 23.48 -5.53
N ASN E 196 -13.82 23.49 -4.55
CA ASN E 196 -14.73 24.61 -4.39
C ASN E 196 -13.97 25.90 -4.09
N LEU E 197 -12.94 25.81 -3.23
CA LEU E 197 -12.15 27.00 -2.92
C LEU E 197 -11.42 27.50 -4.16
N ALA E 198 -10.85 26.58 -4.95
CA ALA E 198 -10.19 26.99 -6.18
C ALA E 198 -11.16 27.65 -7.15
N VAL E 199 -12.36 27.08 -7.29
CA VAL E 199 -13.35 27.65 -8.19
C VAL E 199 -13.79 29.03 -7.71
N ALA E 200 -13.98 29.18 -6.40
CA ALA E 200 -14.38 30.47 -5.84
C ALA E 200 -13.29 31.52 -6.09
N ASP E 201 -12.03 31.15 -5.90
CA ASP E 201 -10.95 32.09 -6.15
C ASP E 201 -10.84 32.44 -7.63
N THR E 202 -11.06 31.46 -8.51
CA THR E 202 -11.06 31.74 -9.95
C THR E 202 -12.19 32.69 -10.31
N LEU E 203 -13.37 32.49 -9.71
CA LEU E 203 -14.48 33.40 -9.95
C LEU E 203 -14.18 34.79 -9.40
N ILE E 204 -13.49 34.88 -8.27
CA ILE E 204 -13.05 36.19 -7.77
C ILE E 204 -12.15 36.86 -8.80
N GLY E 205 -11.15 36.14 -9.29
CA GLY E 205 -10.26 36.70 -10.30
C GLY E 205 -10.99 37.16 -11.53
N VAL E 206 -11.97 36.37 -11.99
CA VAL E 206 -12.77 36.76 -13.13
C VAL E 206 -13.55 38.04 -12.83
N ALA E 207 -14.16 38.11 -11.65
CA ALA E 207 -14.88 39.31 -11.26
C ALA E 207 -13.96 40.52 -11.16
N ILE E 208 -12.78 40.32 -10.59
CA ILE E 208 -11.79 41.40 -10.55
C ILE E 208 -11.39 41.79 -11.97
N SER E 209 -11.25 40.81 -12.85
CA SER E 209 -10.95 41.11 -14.25
C SER E 209 -12.02 41.99 -14.87
N GLY E 210 -13.27 41.87 -14.42
CA GLY E 210 -14.33 42.73 -14.90
C GLY E 210 -14.23 44.16 -14.41
N LEU E 211 -13.51 44.40 -13.32
CA LEU E 211 -13.29 45.75 -12.82
C LEU E 211 -12.19 46.48 -13.58
N LEU E 212 -11.41 45.77 -14.40
CA LEU E 212 -10.32 46.42 -15.12
C LEU E 212 -10.84 47.43 -16.14
N THR E 213 -12.04 47.20 -16.68
CA THR E 213 -12.56 48.08 -17.73
C THR E 213 -12.89 49.48 -17.22
N ASP E 214 -13.10 49.65 -15.91
CA ASP E 214 -13.44 50.96 -15.36
C ASP E 214 -12.32 51.61 -14.58
N GLN E 215 -11.41 50.83 -13.99
CA GLN E 215 -10.24 51.41 -13.34
C GLN E 215 -9.27 52.02 -14.34
N LEU E 216 -9.12 51.38 -15.51
CA LEU E 216 -8.35 51.98 -16.59
C LEU E 216 -9.17 53.09 -17.25
N SER E 217 -8.51 53.82 -18.15
CA SER E 217 -9.16 54.93 -18.83
C SER E 217 -10.43 54.45 -19.52
N SER E 218 -11.57 54.98 -19.09
CA SER E 218 -12.86 54.63 -19.67
C SER E 218 -13.90 55.61 -19.13
N PRO E 219 -14.91 55.95 -19.94
CA PRO E 219 -15.93 56.89 -19.49
C PRO E 219 -16.95 56.23 -18.58
N SER E 220 -17.81 57.06 -18.00
CA SER E 220 -18.89 56.58 -17.14
C SER E 220 -20.09 57.50 -17.30
N ARG E 221 -21.26 56.97 -16.96
CA ARG E 221 -22.51 57.71 -17.08
C ARG E 221 -23.41 57.34 -15.91
N PRO E 222 -24.39 58.19 -15.58
CA PRO E 222 -25.27 57.87 -14.45
C PRO E 222 -26.01 56.55 -14.61
N THR E 223 -26.38 56.18 -15.84
CA THR E 223 -27.08 54.92 -16.06
C THR E 223 -26.22 53.72 -15.71
N GLN E 224 -24.90 53.92 -15.56
CA GLN E 224 -23.99 52.84 -15.20
C GLN E 224 -24.23 52.31 -13.79
N LYS E 225 -25.14 52.91 -13.03
CA LYS E 225 -25.37 52.48 -11.66
C LYS E 225 -25.74 51.00 -11.59
N THR E 226 -26.66 50.58 -12.46
CA THR E 226 -27.15 49.20 -12.40
C THR E 226 -26.04 48.20 -12.69
N LEU E 227 -25.31 48.38 -13.79
CA LEU E 227 -24.26 47.44 -14.15
C LEU E 227 -23.13 47.45 -13.12
N CYS E 228 -22.73 48.64 -12.67
CA CYS E 228 -21.67 48.73 -11.67
C CYS E 228 -22.07 48.02 -10.39
N SER E 229 -23.30 48.25 -9.93
CA SER E 229 -23.79 47.58 -8.73
C SER E 229 -23.84 46.08 -8.93
N LEU E 230 -24.26 45.63 -10.11
CA LEU E 230 -24.33 44.20 -10.38
C LEU E 230 -22.94 43.56 -10.30
N ARG E 231 -21.94 44.20 -10.90
CA ARG E 231 -20.61 43.58 -10.88
C ARG E 231 -19.96 43.71 -9.50
N MET E 232 -20.26 44.78 -8.76
CA MET E 232 -19.80 44.87 -7.38
C MET E 232 -20.39 43.75 -6.54
N ALA E 233 -21.68 43.47 -6.73
CA ALA E 233 -22.32 42.37 -6.02
C ALA E 233 -21.73 41.04 -6.44
N PHE E 234 -21.38 40.89 -7.71
CA PHE E 234 -20.72 39.67 -8.17
C PHE E 234 -19.37 39.49 -7.48
N VAL E 235 -18.59 40.56 -7.38
CA VAL E 235 -17.29 40.48 -6.69
C VAL E 235 -17.49 40.11 -5.23
N THR E 236 -18.46 40.75 -4.58
CA THR E 236 -18.75 40.45 -3.18
C THR E 236 -19.18 39.00 -3.00
N SER E 237 -20.01 38.49 -3.92
CA SER E 237 -20.44 37.10 -3.85
C SER E 237 -19.26 36.15 -4.02
N SER E 238 -18.36 36.45 -4.94
CA SER E 238 -17.19 35.59 -5.13
C SER E 238 -16.31 35.58 -3.88
N ALA E 239 -16.09 36.76 -3.29
CA ALA E 239 -15.29 36.84 -2.07
C ALA E 239 -15.95 36.09 -0.93
N ALA E 240 -17.27 36.23 -0.79
CA ALA E 240 -17.99 35.50 0.25
C ALA E 240 -17.93 34.00 0.02
N ALA E 241 -18.01 33.58 -1.25
CA ALA E 241 -17.87 32.16 -1.56
C ALA E 241 -16.51 31.65 -1.12
N SER E 242 -15.45 32.40 -1.42
CA SER E 242 -14.12 31.97 -1.02
C SER E 242 -13.99 31.91 0.50
N VAL E 243 -14.49 32.93 1.19
CA VAL E 243 -14.36 32.98 2.65
C VAL E 243 -15.12 31.83 3.29
N LEU E 244 -16.36 31.61 2.85
CA LEU E 244 -17.15 30.53 3.44
C LEU E 244 -16.65 29.17 3.01
N THR E 245 -15.96 29.06 1.87
CA THR E 245 -15.31 27.80 1.52
C THR E 245 -14.13 27.53 2.45
N VAL E 246 -13.37 28.57 2.79
CA VAL E 246 -12.32 28.41 3.80
C VAL E 246 -12.94 27.96 5.12
N MET E 247 -14.06 28.57 5.49
CA MET E 247 -14.75 28.17 6.72
C MET E 247 -15.21 26.73 6.65
N LEU E 248 -15.73 26.30 5.51
CA LEU E 248 -16.19 24.93 5.35
C LEU E 248 -15.04 23.94 5.44
N ILE E 249 -13.90 24.30 4.83
CA ILE E 249 -12.71 23.44 4.94
C ILE E 249 -12.26 23.35 6.39
N THR E 250 -12.26 24.47 7.10
CA THR E 250 -11.88 24.45 8.50
C THR E 250 -12.83 23.59 9.33
N PHE E 251 -14.14 23.69 9.05
CA PHE E 251 -15.11 22.86 9.76
C PHE E 251 -14.91 21.39 9.44
N ASP E 252 -14.59 21.07 8.19
CA ASP E 252 -14.31 19.69 7.81
C ASP E 252 -13.12 19.15 8.57
N ARG E 253 -12.04 19.94 8.64
CA ARG E 253 -10.86 19.51 9.38
C ARG E 253 -11.17 19.34 10.86
N TYR E 254 -11.94 20.28 11.42
CA TYR E 254 -12.29 20.20 12.84
C TYR E 254 -13.12 18.98 13.14
N LEU E 255 -14.08 18.65 12.26
CA LEU E 255 -14.89 17.47 12.45
C LEU E 255 -14.05 16.21 12.32
N ALA E 256 -13.12 16.18 11.38
CA ALA E 256 -12.25 15.02 11.22
C ALA E 256 -11.40 14.80 12.46
N ILE E 257 -10.81 15.86 13.01
CA ILE E 257 -9.95 15.71 14.18
C ILE E 257 -10.77 15.39 15.41
N LYS E 258 -11.88 16.10 15.62
CA LYS E 258 -12.67 15.92 16.83
C LYS E 258 -13.51 14.65 16.79
N GLN E 259 -14.00 14.26 15.61
CA GLN E 259 -14.90 13.12 15.46
C GLN E 259 -14.36 12.18 14.40
N PRO E 260 -13.23 11.52 14.66
CA PRO E 260 -12.62 10.67 13.63
C PRO E 260 -13.53 9.57 13.12
N PHE E 261 -14.38 9.00 13.99
CA PHE E 261 -15.25 7.90 13.57
C PHE E 261 -16.54 8.43 12.95
N ARG E 262 -17.25 9.32 13.66
CA ARG E 262 -18.48 9.87 13.12
C ARG E 262 -18.24 10.71 11.88
N TYR E 263 -17.05 11.31 11.76
CA TYR E 263 -16.72 12.02 10.52
C TYR E 263 -16.73 11.07 9.33
N LEU E 264 -16.04 9.93 9.46
CA LEU E 264 -16.03 8.95 8.37
C LEU E 264 -17.43 8.39 8.14
N LYS E 265 -18.17 8.13 9.21
CA LYS E 265 -19.51 7.54 9.07
C LYS E 265 -20.45 8.49 8.33
N ILE E 266 -20.37 9.78 8.63
CA ILE E 266 -21.35 10.73 8.09
C ILE E 266 -20.88 11.28 6.76
N MET E 267 -19.61 11.65 6.67
CA MET E 267 -19.11 12.34 5.48
C MET E 267 -19.30 11.50 4.24
N SER E 268 -19.74 12.13 3.16
CA SER E 268 -19.96 11.44 1.89
C SER E 268 -20.04 12.49 0.79
N GLY E 269 -20.07 12.01 -0.45
CA GLY E 269 -20.18 12.91 -1.59
C GLY E 269 -21.43 13.76 -1.56
N PHE E 270 -22.56 13.16 -1.15
CA PHE E 270 -23.80 13.91 -1.08
C PHE E 270 -23.70 15.04 -0.06
N VAL E 271 -23.07 14.78 1.09
CA VAL E 271 -22.91 15.82 2.10
C VAL E 271 -22.10 16.98 1.55
N ALA E 272 -20.99 16.67 0.87
CA ALA E 272 -20.17 17.74 0.30
C ALA E 272 -20.93 18.52 -0.77
N GLY E 273 -21.69 17.81 -1.61
CA GLY E 273 -22.47 18.50 -2.63
C GLY E 273 -23.51 19.44 -2.04
N ALA E 274 -24.24 18.96 -1.02
CA ALA E 274 -25.23 19.81 -0.38
C ALA E 274 -24.57 21.00 0.29
N CYS E 275 -23.44 20.77 0.96
CA CYS E 275 -22.73 21.88 1.60
C CYS E 275 -22.28 22.91 0.56
N ILE E 276 -21.79 22.46 -0.59
CA ILE E 276 -21.34 23.40 -1.62
C ILE E 276 -22.52 24.15 -2.21
N ALA E 277 -23.65 23.47 -2.39
CA ALA E 277 -24.83 24.15 -2.91
C ALA E 277 -25.30 25.25 -1.95
N GLY E 278 -25.44 24.91 -0.67
CA GLY E 278 -25.81 25.92 0.31
C GLY E 278 -24.76 27.02 0.39
N LEU E 279 -23.49 26.67 0.23
CA LEU E 279 -22.41 27.64 0.22
C LEU E 279 -22.61 28.67 -0.87
N TRP E 280 -22.82 28.21 -2.11
CA TRP E 280 -23.01 29.13 -3.21
C TRP E 280 -24.28 29.96 -3.02
N LEU E 281 -25.36 29.34 -2.57
CA LEU E 281 -26.61 30.08 -2.38
C LEU E 281 -26.42 31.20 -1.35
N VAL E 282 -25.81 30.87 -0.20
CA VAL E 282 -25.62 31.86 0.85
C VAL E 282 -24.69 32.96 0.38
N SER E 283 -23.59 32.59 -0.29
CA SER E 283 -22.64 33.60 -0.76
C SER E 283 -23.29 34.57 -1.72
N TYR E 284 -24.04 34.05 -2.71
CA TYR E 284 -24.69 34.93 -3.68
C TYR E 284 -25.78 35.77 -3.01
N LEU E 285 -26.51 35.18 -2.06
CA LEU E 285 -27.54 35.95 -1.35
C LEU E 285 -26.91 37.12 -0.60
N ILE E 286 -25.81 36.86 0.11
CA ILE E 286 -25.14 37.93 0.85
C ILE E 286 -24.62 38.98 -0.11
N GLY E 287 -24.03 38.55 -1.23
CA GLY E 287 -23.48 39.50 -2.18
C GLY E 287 -24.53 40.39 -2.82
N PHE E 288 -25.68 39.83 -3.17
CA PHE E 288 -26.75 40.58 -3.84
C PHE E 288 -27.77 41.16 -2.86
N LEU E 289 -27.57 40.98 -1.55
CA LEU E 289 -28.45 41.59 -0.56
C LEU E 289 -28.62 43.10 -0.76
N PRO E 290 -27.57 43.90 -0.93
CA PRO E 290 -27.77 45.35 -1.04
C PRO E 290 -28.56 45.77 -2.28
N LEU E 291 -28.67 44.92 -3.30
CA LEU E 291 -29.46 45.27 -4.47
C LEU E 291 -30.93 45.47 -4.10
N GLY E 292 -31.46 44.62 -3.23
CA GLY E 292 -32.84 44.72 -2.83
C GLY E 292 -33.04 45.52 -1.55
N ILE E 293 -32.11 45.39 -0.62
CA ILE E 293 -32.21 46.12 0.64
C ILE E 293 -31.96 47.60 0.39
N PRO E 294 -32.87 48.50 0.79
CA PRO E 294 -32.65 49.92 0.49
C PRO E 294 -31.55 50.57 1.33
N MET E 295 -31.50 50.25 2.62
CA MET E 295 -30.55 50.92 3.50
C MET E 295 -29.09 50.66 3.11
N PHE E 296 -28.81 49.53 2.46
CA PHE E 296 -27.44 49.23 2.06
C PHE E 296 -27.01 49.96 0.80
N GLN E 297 -27.96 50.52 0.05
CA GLN E 297 -27.63 51.22 -1.19
C GLN E 297 -27.15 52.63 -0.89
N GLN E 298 -26.13 53.07 -1.63
CA GLN E 298 -25.59 54.42 -1.48
C GLN E 298 -26.38 55.37 -2.37
N THR E 299 -27.04 56.34 -1.74
CA THR E 299 -27.85 57.30 -2.49
C THR E 299 -26.96 58.34 -3.16
N ALA E 300 -27.56 59.08 -4.10
CA ALA E 300 -26.87 60.16 -4.81
C ALA E 300 -25.66 59.62 -5.58
N TYR E 301 -25.95 58.70 -6.50
CA TYR E 301 -24.89 58.13 -7.33
C TYR E 301 -24.24 59.22 -8.17
N LYS E 302 -22.91 59.23 -8.19
CA LYS E 302 -22.14 60.27 -8.85
C LYS E 302 -21.88 59.97 -10.32
N GLY E 303 -22.27 58.80 -10.80
CA GLY E 303 -21.94 58.43 -12.17
C GLY E 303 -20.57 57.81 -12.34
N GLN E 304 -19.92 57.46 -11.23
CA GLN E 304 -18.63 56.78 -11.26
C GLN E 304 -18.78 55.44 -10.56
N CYS E 305 -18.05 54.44 -11.05
CA CYS E 305 -18.20 53.06 -10.59
C CYS E 305 -17.22 52.78 -9.47
N SER E 306 -17.74 52.37 -8.32
CA SER E 306 -16.92 52.00 -7.17
C SER E 306 -17.82 51.24 -6.20
N PHE E 307 -17.18 50.47 -5.31
CA PHE E 307 -17.94 49.68 -4.35
C PHE E 307 -18.78 50.57 -3.43
N PHE E 308 -18.14 51.58 -2.84
CA PHE E 308 -18.84 52.47 -1.92
C PHE E 308 -19.66 53.55 -2.63
N ALA E 309 -19.45 53.73 -3.93
CA ALA E 309 -20.28 54.67 -4.67
C ALA E 309 -21.69 54.14 -4.87
N VAL E 310 -21.86 52.81 -4.81
CA VAL E 310 -23.15 52.17 -5.03
C VAL E 310 -23.68 51.62 -3.71
N PHE E 311 -22.78 51.16 -2.85
CA PHE E 311 -23.14 50.49 -1.61
C PHE E 311 -22.72 51.33 -0.41
N HIS E 312 -23.61 51.40 0.59
CA HIS E 312 -23.38 52.17 1.80
C HIS E 312 -22.47 51.41 2.77
N PRO E 313 -21.70 52.10 3.60
CA PRO E 313 -20.84 51.38 4.56
C PRO E 313 -21.60 50.50 5.54
N HIS E 314 -22.90 50.77 5.77
CA HIS E 314 -23.69 49.88 6.61
C HIS E 314 -23.72 48.46 6.06
N PHE E 315 -23.62 48.31 4.74
CA PHE E 315 -23.50 46.97 4.17
C PHE E 315 -22.24 46.28 4.69
N VAL E 316 -21.13 47.00 4.72
CA VAL E 316 -19.90 46.43 5.27
C VAL E 316 -20.05 46.15 6.76
N LEU E 317 -20.74 47.04 7.49
CA LEU E 317 -20.95 46.82 8.91
C LEU E 317 -21.68 45.49 9.15
N THR E 318 -22.79 45.28 8.45
CA THR E 318 -23.51 44.03 8.59
C THR E 318 -22.67 42.85 8.12
N LEU E 319 -21.98 43.00 6.99
CA LEU E 319 -21.13 41.94 6.45
C LEU E 319 -20.10 41.51 7.48
N SER E 320 -19.62 42.44 8.30
CA SER E 320 -18.68 42.12 9.36
C SER E 320 -19.35 41.51 10.58
N CYS E 321 -20.48 42.08 11.01
CA CYS E 321 -21.12 41.63 12.24
C CYS E 321 -21.71 40.23 12.12
N VAL E 322 -22.45 39.96 11.05
CA VAL E 322 -23.06 38.64 10.89
C VAL E 322 -22.20 37.72 10.04
N GLY E 323 -21.21 38.29 9.36
CA GLY E 323 -20.38 37.54 8.42
C GLY E 323 -18.98 37.26 8.93
N PHE E 324 -18.03 38.09 8.50
CA PHE E 324 -16.62 37.78 8.66
C PHE E 324 -16.23 37.63 10.13
N PHE E 325 -16.78 38.45 11.02
CA PHE E 325 -16.34 38.34 12.41
C PHE E 325 -16.80 37.02 13.03
N PRO E 326 -18.07 36.65 12.92
CA PRO E 326 -18.46 35.30 13.37
C PRO E 326 -17.65 34.20 12.70
N ALA E 327 -17.39 34.34 11.40
CA ALA E 327 -16.62 33.33 10.70
C ALA E 327 -15.22 33.22 11.28
N MET E 328 -14.60 34.35 11.60
CA MET E 328 -13.25 34.35 12.13
C MET E 328 -13.20 33.81 13.55
N LEU E 329 -14.20 34.12 14.37
CA LEU E 329 -14.25 33.50 15.70
C LEU E 329 -14.41 31.99 15.60
N LEU E 330 -15.28 31.51 14.70
CA LEU E 330 -15.41 30.07 14.51
C LEU E 330 -14.10 29.46 14.01
N PHE E 331 -13.43 30.12 13.07
CA PHE E 331 -12.15 29.66 12.57
C PHE E 331 -11.13 29.55 13.69
N VAL E 332 -11.03 30.59 14.51
CA VAL E 332 -10.06 30.61 15.60
C VAL E 332 -10.36 29.53 16.61
N PHE E 333 -11.63 29.35 16.97
CA PHE E 333 -12.00 28.32 17.93
C PHE E 333 -11.66 26.94 17.40
N PHE E 334 -12.03 26.67 16.15
CA PHE E 334 -11.77 25.35 15.56
C PHE E 334 -10.29 25.07 15.52
N TYR E 335 -9.50 26.04 15.05
CA TYR E 335 -8.06 25.80 14.92
C TYR E 335 -7.36 25.80 16.26
N CYS E 336 -7.91 26.47 17.28
CA CYS E 336 -7.33 26.37 18.61
C CYS E 336 -7.59 25.00 19.22
N ASP E 337 -8.80 24.46 19.03
CA ASP E 337 -9.05 23.09 19.49
C ASP E 337 -8.18 22.10 18.74
N MET E 338 -8.03 22.29 17.42
CA MET E 338 -7.14 21.43 16.65
C MET E 338 -5.70 21.55 17.11
N LEU E 339 -5.26 22.77 17.46
CA LEU E 339 -3.91 22.95 17.98
C LEU E 339 -3.73 22.26 19.32
N LYS E 340 -4.75 22.31 20.19
CA LYS E 340 -4.66 21.60 21.46
C LYS E 340 -4.55 20.09 21.24
N ILE E 341 -5.37 19.55 20.34
CA ILE E 341 -5.32 18.11 20.07
C ILE E 341 -3.98 17.74 19.45
N ALA E 342 -3.48 18.55 18.51
CA ALA E 342 -2.20 18.28 17.89
C ALA E 342 -1.06 18.38 18.90
N SER E 343 -1.16 19.31 19.84
CA SER E 343 -0.14 19.44 20.88
C SER E 343 -0.14 18.22 21.79
N MET E 344 -1.32 17.71 22.14
CA MET E 344 -1.39 16.48 22.93
C MET E 344 -0.77 15.32 22.18
N HIS E 345 -1.12 15.16 20.90
CA HIS E 345 -0.56 14.07 20.11
C HIS E 345 0.95 14.22 19.98
N SER E 346 1.42 15.46 19.76
CA SER E 346 2.84 15.69 19.56
C SER E 346 3.63 15.45 20.85
N GLN E 347 3.07 15.83 22.00
CA GLN E 347 3.78 15.58 23.26
C GLN E 347 3.80 14.10 23.57
N GLN E 348 2.73 13.37 23.27
CA GLN E 348 2.77 11.92 23.43
C GLN E 348 3.82 11.30 22.51
N ILE E 349 3.87 11.73 21.26
CA ILE E 349 4.85 11.20 20.32
C ILE E 349 6.27 11.51 20.78
N ARG E 350 6.48 12.74 21.26
CA ARG E 350 7.80 13.13 21.76
C ARG E 350 8.19 12.32 22.97
N LYS E 351 7.25 12.06 23.87
CA LYS E 351 7.53 11.22 25.04
C LYS E 351 7.96 9.83 24.59
N MET E 352 7.22 9.23 23.67
CA MET E 352 7.57 7.90 23.18
C MET E 352 8.94 7.90 22.52
N GLU E 353 9.20 8.89 21.67
CA GLU E 353 10.49 8.96 20.96
C GLU E 353 11.64 9.17 21.94
N HIS E 354 11.45 10.02 22.94
CA HIS E 354 12.49 10.25 23.93
C HIS E 354 12.77 8.99 24.73
N ALA E 355 11.71 8.26 25.11
CA ALA E 355 11.91 7.00 25.82
C ALA E 355 12.69 6.02 24.96
N GLY E 356 12.32 5.89 23.68
CA GLY E 356 13.01 4.98 22.80
C GLY E 356 14.48 5.35 22.61
N ALA E 357 14.75 6.65 22.43
CA ALA E 357 16.13 7.08 22.22
C ALA E 357 16.96 6.93 23.48
N MET E 358 16.42 7.30 24.65
CA MET E 358 17.17 7.16 25.89
C MET E 358 17.46 5.70 26.18
N ALA E 359 16.47 4.82 25.99
CA ALA E 359 16.70 3.40 26.18
C ALA E 359 17.61 2.84 25.10
N GLY E 360 17.59 3.42 23.91
CA GLY E 360 18.42 2.96 22.81
C GLY E 360 19.83 3.52 22.87
N SER E 369 10.53 21.88 18.11
CA SER E 369 9.96 20.85 17.26
C SER E 369 8.44 20.86 17.34
N ASP E 370 7.90 21.16 18.52
CA ASP E 370 6.46 21.22 18.71
C ASP E 370 5.84 22.41 17.98
N PHE E 371 6.66 23.35 17.50
CA PHE E 371 6.15 24.56 16.85
C PHE E 371 5.54 24.28 15.49
N LYS E 372 5.70 23.07 14.94
CA LYS E 372 5.15 22.77 13.62
C LYS E 372 3.65 23.01 13.59
N ALA E 373 2.92 22.43 14.54
CA ALA E 373 1.48 22.69 14.62
C ALA E 373 1.21 24.16 14.88
N LEU E 374 2.00 24.79 15.76
CA LEU E 374 1.86 26.21 16.01
C LEU E 374 2.13 27.00 14.74
N ARG E 375 3.16 26.61 13.98
CA ARG E 375 3.47 27.31 12.74
C ARG E 375 2.31 27.21 11.75
N THR E 376 1.76 26.02 11.56
CA THR E 376 0.66 25.85 10.61
C THR E 376 -0.57 26.64 11.05
N VAL E 377 -0.92 26.55 12.33
CA VAL E 377 -2.11 27.26 12.83
C VAL E 377 -1.91 28.76 12.70
N SER E 378 -0.72 29.26 13.04
CA SER E 378 -0.46 30.69 12.92
C SER E 378 -0.53 31.14 11.47
N VAL E 379 0.03 30.36 10.54
CA VAL E 379 -0.03 30.75 9.14
C VAL E 379 -1.49 30.81 8.67
N LEU E 380 -2.27 29.78 8.99
CA LEU E 380 -3.66 29.77 8.54
C LEU E 380 -4.46 30.92 9.13
N ILE E 381 -4.31 31.16 10.44
CA ILE E 381 -5.07 32.22 11.09
C ILE E 381 -4.63 33.58 10.58
N GLY E 382 -3.33 33.78 10.39
CA GLY E 382 -2.85 35.03 9.85
C GLY E 382 -3.38 35.30 8.45
N SER E 383 -3.37 34.28 7.60
CA SER E 383 -3.93 34.44 6.26
C SER E 383 -5.40 34.83 6.34
N PHE E 384 -6.18 34.08 7.14
CA PHE E 384 -7.62 34.34 7.22
C PHE E 384 -7.89 35.76 7.72
N ALA E 385 -7.18 36.18 8.78
CA ALA E 385 -7.41 37.51 9.33
C ALA E 385 -6.97 38.59 8.36
N LEU E 386 -5.74 38.49 7.85
CA LEU E 386 -5.22 39.52 6.96
C LEU E 386 -6.02 39.60 5.67
N SER E 387 -6.81 38.56 5.37
CA SER E 387 -7.66 38.61 4.18
C SER E 387 -8.55 39.85 4.20
N TRP E 388 -9.45 39.94 5.18
CA TRP E 388 -10.47 40.97 5.19
C TRP E 388 -10.57 41.77 6.48
N THR E 389 -9.92 41.35 7.57
CA THR E 389 -10.06 42.05 8.84
C THR E 389 -9.66 43.52 8.73
N PRO E 390 -8.51 43.88 8.17
CA PRO E 390 -8.19 45.33 8.06
C PRO E 390 -9.22 46.10 7.26
N PHE E 391 -9.69 45.54 6.15
CA PHE E 391 -10.70 46.21 5.34
C PHE E 391 -11.98 46.42 6.14
N LEU E 392 -12.44 45.38 6.83
CA LEU E 392 -13.68 45.46 7.57
C LEU E 392 -13.54 46.36 8.80
N ILE E 393 -12.39 46.32 9.46
CA ILE E 393 -12.16 47.22 10.58
C ILE E 393 -12.20 48.66 10.12
N THR E 394 -11.55 48.96 8.99
CA THR E 394 -11.63 50.31 8.44
C THR E 394 -13.05 50.67 8.03
N GLY E 395 -13.83 49.70 7.56
CA GLY E 395 -15.22 49.97 7.24
C GLY E 395 -16.04 50.36 8.46
N ILE E 396 -15.84 49.65 9.57
CA ILE E 396 -16.52 50.02 10.81
C ILE E 396 -16.04 51.38 11.29
N VAL E 397 -14.75 51.68 11.11
CA VAL E 397 -14.25 53.01 11.44
C VAL E 397 -14.97 54.07 10.64
N GLN E 398 -15.11 53.85 9.33
CA GLN E 398 -15.86 54.77 8.49
C GLN E 398 -17.29 54.94 8.98
N VAL E 399 -17.95 53.83 9.33
CA VAL E 399 -19.33 53.92 9.80
C VAL E 399 -19.40 54.76 11.08
N ALA E 400 -18.46 54.55 12.01
CA ALA E 400 -18.51 55.26 13.29
C ALA E 400 -18.14 56.72 13.15
N CYS E 401 -17.38 57.08 12.12
CA CYS E 401 -16.93 58.45 11.97
C CYS E 401 -18.09 59.40 11.67
N GLN E 402 -17.76 60.69 11.51
CA GLN E 402 -18.72 61.69 11.08
C GLN E 402 -18.28 62.38 9.79
N GLU E 403 -17.00 62.81 9.72
CA GLU E 403 -16.49 63.58 8.60
C GLU E 403 -15.33 62.87 7.90
N CYS E 404 -15.51 61.61 7.53
CA CYS E 404 -14.39 60.67 7.45
C CYS E 404 -14.29 60.07 6.06
N HIS E 405 -13.07 60.08 5.51
CA HIS E 405 -12.84 59.82 4.09
C HIS E 405 -11.74 58.79 3.86
N LEU E 406 -11.81 57.65 4.54
CA LEU E 406 -10.91 56.55 4.23
C LEU E 406 -11.39 55.70 3.05
N TYR E 407 -12.35 56.18 2.26
CA TYR E 407 -12.83 55.40 1.13
C TYR E 407 -11.72 55.08 0.14
N LEU E 408 -10.90 56.08 -0.20
CA LEU E 408 -9.83 55.88 -1.16
C LEU E 408 -8.95 54.70 -0.75
N VAL E 409 -8.30 54.81 0.40
CA VAL E 409 -7.42 53.74 0.86
C VAL E 409 -8.21 52.45 1.04
N LEU E 410 -9.41 52.54 1.63
CA LEU E 410 -10.18 51.35 1.94
C LEU E 410 -10.42 50.51 0.70
N GLU E 411 -10.79 51.15 -0.42
CA GLU E 411 -11.16 50.43 -1.63
C GLU E 411 -10.01 50.36 -2.63
N ARG E 412 -8.83 50.90 -2.31
CA ARG E 412 -7.68 50.79 -3.21
C ARG E 412 -6.54 49.93 -2.69
N TYR E 413 -6.23 49.94 -1.39
CA TYR E 413 -5.11 49.16 -0.88
C TYR E 413 -5.53 48.12 0.16
N LEU E 414 -6.40 48.48 1.10
CA LEU E 414 -6.86 47.50 2.08
C LEU E 414 -7.69 46.41 1.41
N TRP E 415 -8.53 46.78 0.45
CA TRP E 415 -9.35 45.80 -0.23
C TRP E 415 -8.51 44.81 -1.04
N LEU E 416 -7.31 45.20 -1.46
CA LEU E 416 -6.44 44.29 -2.19
C LEU E 416 -6.02 43.09 -1.34
N LEU E 417 -5.95 43.27 -0.02
CA LEU E 417 -5.58 42.15 0.85
C LEU E 417 -6.61 41.02 0.75
N GLY E 418 -7.89 41.36 0.73
CA GLY E 418 -8.91 40.34 0.57
C GLY E 418 -8.83 39.66 -0.78
N VAL E 419 -8.65 40.44 -1.85
CA VAL E 419 -8.46 39.87 -3.18
C VAL E 419 -7.16 39.08 -3.21
N GLY E 420 -6.10 39.61 -2.62
CA GLY E 420 -4.84 38.90 -2.56
C GLY E 420 -4.92 37.59 -1.79
N ASN E 421 -5.85 37.49 -0.84
CA ASN E 421 -6.03 36.24 -0.12
C ASN E 421 -6.44 35.11 -1.06
N SER E 422 -7.15 35.44 -2.15
CA SER E 422 -7.48 34.45 -3.16
C SER E 422 -6.24 33.88 -3.83
N LEU E 423 -5.11 34.58 -3.76
CA LEU E 423 -3.84 34.04 -4.25
C LEU E 423 -3.13 33.21 -3.19
N LEU E 424 -3.24 33.58 -1.91
CA LEU E 424 -2.65 32.79 -0.85
C LEU E 424 -3.52 31.59 -0.48
N ASN E 425 -4.83 31.68 -0.73
CA ASN E 425 -5.73 30.57 -0.44
C ASN E 425 -5.32 29.27 -1.12
N PRO E 426 -5.07 29.25 -2.44
CA PRO E 426 -4.57 28.00 -3.04
C PRO E 426 -3.24 27.57 -2.47
N LEU E 427 -2.26 28.46 -2.41
CA LEU E 427 -0.94 28.09 -1.91
C LEU E 427 -1.03 27.46 -0.52
N ILE E 428 -2.02 27.88 0.27
CA ILE E 428 -2.12 27.40 1.64
C ILE E 428 -2.91 26.10 1.70
N TYR E 429 -3.99 25.99 0.93
CA TYR E 429 -4.95 24.90 1.14
C TYR E 429 -4.77 23.74 0.17
N ALA E 430 -4.28 23.98 -1.05
CA ALA E 430 -4.12 22.91 -2.03
C ALA E 430 -2.64 22.63 -2.26
N TYR E 431 -1.85 23.61 -2.67
CA TYR E 431 -0.43 23.37 -2.93
C TYR E 431 0.31 22.90 -1.69
N TRP E 432 -0.20 23.23 -0.49
CA TRP E 432 0.44 22.78 0.73
C TRP E 432 0.22 21.30 1.00
N GLN E 433 -0.75 20.67 0.34
CA GLN E 433 -0.97 19.24 0.49
C GLN E 433 -0.02 18.47 -0.42
N LYS E 434 0.61 17.43 0.12
CA LYS E 434 1.58 16.66 -0.66
C LYS E 434 0.92 15.98 -1.85
N GLU E 435 -0.33 15.54 -1.71
CA GLU E 435 -1.02 14.92 -2.83
C GLU E 435 -1.21 15.90 -3.99
N VAL E 436 -1.59 17.14 -3.67
CA VAL E 436 -1.77 18.15 -4.72
C VAL E 436 -0.43 18.48 -5.36
N ARG E 437 0.63 18.53 -4.55
CA ARG E 437 1.96 18.76 -5.13
C ARG E 437 2.36 17.64 -6.07
N LEU E 438 2.04 16.40 -5.70
CA LEU E 438 2.32 15.26 -6.57
C LEU E 438 1.53 15.38 -7.87
N GLN E 439 0.25 15.76 -7.77
CA GLN E 439 -0.55 15.92 -8.98
C GLN E 439 0.01 17.02 -9.87
N LEU E 440 0.46 18.11 -9.27
CA LEU E 440 1.08 19.19 -10.04
C LEU E 440 2.36 18.70 -10.71
N TYR E 441 3.15 17.89 -10.00
CA TYR E 441 4.38 17.36 -10.59
C TYR E 441 4.07 16.45 -11.77
N HIS E 442 3.02 15.63 -11.65
CA HIS E 442 2.62 14.78 -12.76
C HIS E 442 2.16 15.60 -13.96
N MET E 443 1.39 16.67 -13.73
CA MET E 443 1.00 17.52 -14.85
C MET E 443 2.21 18.20 -15.48
N ALA E 444 3.18 18.61 -14.65
CA ALA E 444 4.40 19.20 -15.18
C ALA E 444 5.15 18.21 -16.05
N LEU E 445 5.23 16.94 -15.61
CA LEU E 445 5.84 15.92 -16.45
C LEU E 445 5.07 15.76 -17.76
N GLY E 446 3.74 15.67 -17.67
CA GLY E 446 2.94 15.53 -18.88
C GLY E 446 3.15 16.65 -19.87
N VAL E 447 3.27 17.88 -19.40
CA VAL E 447 3.63 19.00 -20.27
C VAL E 447 5.04 18.84 -20.82
N LYS E 448 5.98 18.42 -19.97
CA LYS E 448 7.36 18.25 -20.41
C LYS E 448 7.49 17.13 -21.43
N LYS E 449 6.79 16.01 -21.23
CA LYS E 449 6.88 14.86 -22.12
C LYS E 449 6.08 15.04 -23.40
N VAL E 450 5.52 16.22 -23.64
CA VAL E 450 4.78 16.51 -24.87
C VAL E 450 5.45 17.64 -25.61
N1 I7J F . -16.69 38.12 3.72
N3 I7J F . -15.15 42.75 -2.65
C4 I7J F . -17.36 37.30 4.66
C5 I7J F . -17.10 38.09 2.28
C6 I7J F . -17.40 39.49 1.67
C7 I7J F . -16.21 40.47 1.81
C8 I7J F . -15.83 40.48 3.33
C10 I7J F . -16.09 42.12 0.01
C13 I7J F . -15.93 43.47 -0.41
C15 I7J F . -14.99 45.95 -3.05
C17 I7J F . -14.99 46.36 -5.50
C20 I7J F . -14.17 47.08 -2.94
C21 I7J F . -11.90 48.71 -6.80
C1 I7J F . -20.38 35.12 4.80
C11 I7J F . -15.34 41.50 -2.14
C12 I7J F . -15.46 43.74 -1.74
C14 I7J F . -16.12 44.79 0.16
C16 I7J F . -15.40 45.59 -4.38
C18 I7J F . -14.18 47.50 -5.40
C19 I7J F . -13.79 47.81 -4.08
C2 I7J F . -19.60 36.42 5.12
C3 I7J F . -20.48 37.64 4.78
C9 I7J F . -15.58 39.07 3.96
F1 I7J F . -16.16 44.55 -4.55
N2 I7J F . -15.78 41.14 -0.90
N4 I7J F . -15.81 45.76 -0.71
N5 I7J F . -15.40 45.15 -1.91
O1 I7J F . -18.42 36.50 4.26
O2 I7J F . -17.02 37.27 5.83
O3 I7J F . -16.53 41.77 1.26
O4 I7J F . -14.23 49.83 -6.88
O5 I7J F . -13.95 47.82 -8.07
S1 I7J F . -13.65 48.52 -6.87
H1 I7J F . -16.32 37.57 1.66
H2 I7J F . -18.03 37.50 2.14
H3 I7J F . -18.31 39.90 2.15
H4 I7J F . -17.67 39.33 0.60
H5 I7J F . -15.31 40.07 1.28
H6 I7J F . -14.97 41.16 3.54
H7 I7J F . -16.66 40.96 3.90
H8 I7J F . -15.37 46.01 -6.47
H9 I7J F . -13.85 47.36 -1.92
H10 I7J F . -11.36 48.88 -5.83
H11 I7J F . -11.39 49.43 -7.45
H12 I7J F . -11.31 47.82 -7.13
H13 I7J F . -19.84 34.19 5.07
H14 I7J F . -20.64 34.98 3.73
H15 I7J F . -21.33 35.04 5.31
H16 I7J F . -15.10 40.67 -2.83
H17 I7J F . -16.47 44.99 1.17
H18 I7J F . -13.16 48.70 -3.89
H19 I7J F . -19.30 36.38 6.20
H20 I7J F . -20.12 38.55 5.27
H21 I7J F . -21.52 37.51 5.13
H22 I7J F . -20.56 37.87 3.71
H23 I7J F . -15.39 39.16 5.07
H24 I7J F . -14.65 38.61 3.58
#